data_3KQH
#
_entry.id   3KQH
#
_cell.length_a   45.204
_cell.length_b   115.381
_cell.length_c   197.315
_cell.angle_alpha   90.000
_cell.angle_beta   90.000
_cell.angle_gamma   90.000
#
_symmetry.space_group_name_H-M   'P 21 21 21'
#
loop_
_entity.id
_entity.type
_entity.pdbx_description
1 polymer 'Serine protease/NTPase/helicase NS3'
2 polymer "5'-D(*AP*AP*AP*AP*AP*A)-3'"
3 water water
#
loop_
_entity_poly.entity_id
_entity_poly.type
_entity_poly.pdbx_seq_one_letter_code
_entity_poly.pdbx_strand_id
1 'polypeptide(L)'
;SPPAVPQTFQVAHLHAPTGSGKSTKVPAAYAAQGYKVLVLNPSVAATLGFGAYMSKAHGIDPNIRTGVRTITTGAPITYS
TYGKFLADGGCSGGAYDIIICDECHSTDSTTILGIGTVLDQAETAGARLVVLATATPPGSVTVPHPNIEEVALSSTGEIP
FYGKAIPIETIKGGRHLIFCHSKKKCDELAAKLSGLGLNAVAYYRGLDVSVIPTSGDVIVVATDALMTGFTGDFDSVIDC
NTCVTQTVDFSLDPTFTIETTTVPQDAVSRSQRRGRTGRGRMGIYRFVTPGERPSGMFDSSVLCECYDAGCAWYELTPAE
TSVRLRAYLNTPGLPVCQDHLEFWESVFTGLTHIDAHFLSQTKQAGDNFPYLVAYQATVCARAQAPPPSWDQMWKCLIRL
KPTLHGPTPLLYRLGAVQNEVTTTHPITKYIMACMS
;
A,B
2 'polydeoxyribonucleotide' (DA)(DA)(DA)(DA)(DA)(DA) C,D
#
loop_
_chem_comp.id
_chem_comp.type
_chem_comp.name
_chem_comp.formula
DA DNA linking 2'-DEOXYADENOSINE-5'-MONOPHOSPHATE 'C10 H14 N5 O6 P'
#
# COMPACT_ATOMS: atom_id res chain seq x y z
N SER A 1 10.59 -20.83 9.41
CA SER A 1 9.76 -20.49 8.22
C SER A 1 10.60 -20.48 6.93
N PRO A 2 11.77 -19.80 6.94
CA PRO A 2 12.62 -19.76 5.75
C PRO A 2 13.26 -21.12 5.47
N PRO A 3 13.70 -21.36 4.21
CA PRO A 3 14.32 -22.63 3.83
C PRO A 3 15.40 -23.07 4.82
N ALA A 4 15.35 -24.34 5.21
CA ALA A 4 16.31 -24.88 6.17
C ALA A 4 17.68 -25.06 5.50
N VAL A 5 18.73 -24.72 6.24
CA VAL A 5 20.09 -24.84 5.74
C VAL A 5 20.51 -26.30 5.88
N PRO A 6 20.66 -27.01 4.75
CA PRO A 6 21.05 -28.42 4.72
C PRO A 6 22.50 -28.67 5.16
N GLN A 7 22.76 -29.87 5.66
CA GLN A 7 24.10 -30.24 6.12
C GLN A 7 25.08 -30.04 4.96
N THR A 8 24.72 -30.57 3.80
CA THR A 8 25.53 -30.46 2.59
C THR A 8 25.00 -29.33 1.72
N PHE A 9 25.68 -29.06 0.61
CA PHE A 9 25.26 -28.00 -0.28
C PHE A 9 23.97 -28.33 -1.04
N GLN A 10 23.09 -27.34 -1.17
CA GLN A 10 21.83 -27.51 -1.86
C GLN A 10 21.32 -26.16 -2.40
N VAL A 11 20.48 -26.24 -3.43
CA VAL A 11 19.90 -25.05 -4.04
C VAL A 11 18.40 -25.12 -3.78
N ALA A 12 17.88 -24.12 -3.09
CA ALA A 12 16.47 -24.07 -2.75
C ALA A 12 15.75 -22.89 -3.38
N HIS A 13 14.45 -23.09 -3.60
CA HIS A 13 13.57 -22.08 -4.18
C HIS A 13 12.76 -21.42 -3.08
N LEU A 14 12.49 -20.12 -3.24
CA LEU A 14 11.72 -19.39 -2.26
C LEU A 14 10.62 -18.62 -2.94
N HIS A 15 9.46 -19.26 -3.11
CA HIS A 15 8.31 -18.62 -3.75
C HIS A 15 7.41 -17.96 -2.72
N ALA A 16 7.36 -16.63 -2.75
CA ALA A 16 6.53 -15.90 -1.80
C ALA A 16 6.29 -14.47 -2.28
N PRO A 17 5.10 -13.92 -2.00
CA PRO A 17 4.73 -12.56 -2.40
C PRO A 17 5.33 -11.51 -1.47
N THR A 18 5.02 -10.24 -1.75
CA THR A 18 5.50 -9.11 -0.96
C THR A 18 7.02 -8.99 -1.01
N GLY A 19 7.49 -8.09 -1.84
CA GLY A 19 8.92 -7.88 -1.97
C GLY A 19 9.52 -7.16 -0.78
N SER A 20 9.64 -7.86 0.34
CA SER A 20 10.19 -7.25 1.54
C SER A 20 10.87 -8.27 2.44
N GLY A 21 10.08 -9.20 2.96
CA GLY A 21 10.62 -10.22 3.84
C GLY A 21 11.69 -11.07 3.20
N LYS A 22 11.49 -11.44 1.92
CA LYS A 22 12.44 -12.28 1.22
C LYS A 22 13.84 -11.68 1.17
N SER A 23 13.93 -10.36 1.25
CA SER A 23 15.21 -9.68 1.19
C SER A 23 15.63 -9.02 2.51
N THR A 24 14.78 -9.11 3.53
CA THR A 24 15.07 -8.51 4.83
C THR A 24 14.86 -9.51 5.97
N LYS A 25 13.63 -9.99 6.10
CA LYS A 25 13.29 -10.93 7.16
C LYS A 25 14.09 -12.24 7.04
N VAL A 26 14.03 -12.85 5.86
CA VAL A 26 14.74 -14.10 5.59
C VAL A 26 16.22 -14.01 5.96
N PRO A 27 16.93 -13.03 5.39
CA PRO A 27 18.35 -12.92 5.73
C PRO A 27 18.56 -12.61 7.21
N ALA A 28 17.69 -11.78 7.77
CA ALA A 28 17.80 -11.42 9.17
C ALA A 28 17.72 -12.66 10.06
N ALA A 29 16.85 -13.59 9.67
CA ALA A 29 16.68 -14.84 10.41
C ALA A 29 17.96 -15.67 10.37
N TYR A 30 18.43 -15.96 9.15
CA TYR A 30 19.65 -16.76 8.98
C TYR A 30 20.80 -16.22 9.83
N ALA A 31 20.96 -14.89 9.82
CA ALA A 31 22.05 -14.28 10.57
C ALA A 31 21.88 -14.53 12.07
N ALA A 32 20.62 -14.65 12.52
CA ALA A 32 20.32 -14.90 13.92
C ALA A 32 20.84 -16.26 14.35
N GLN A 33 20.88 -17.19 13.41
CA GLN A 33 21.36 -18.53 13.70
C GLN A 33 22.87 -18.61 13.54
N GLY A 34 23.49 -17.46 13.36
CA GLY A 34 24.94 -17.44 13.23
C GLY A 34 25.43 -17.81 11.83
N TYR A 35 24.70 -17.36 10.81
CA TYR A 35 25.08 -17.64 9.44
C TYR A 35 25.51 -16.37 8.71
N LYS A 36 26.41 -16.55 7.75
CA LYS A 36 26.90 -15.44 6.93
C LYS A 36 25.99 -15.44 5.70
N VAL A 37 25.35 -14.31 5.42
CA VAL A 37 24.43 -14.22 4.30
C VAL A 37 24.76 -13.14 3.27
N LEU A 38 24.57 -13.49 2.01
CA LEU A 38 24.80 -12.58 0.90
C LEU A 38 23.46 -12.48 0.16
N VAL A 39 22.98 -11.25 -0.03
CA VAL A 39 21.70 -11.00 -0.70
C VAL A 39 21.97 -10.19 -1.96
N LEU A 40 21.72 -10.81 -3.11
CA LEU A 40 21.96 -10.17 -4.40
C LEU A 40 20.66 -9.65 -4.99
N ASN A 41 20.71 -8.43 -5.53
CA ASN A 41 19.53 -7.83 -6.11
C ASN A 41 19.95 -7.05 -7.37
N PRO A 42 19.14 -7.13 -8.44
CA PRO A 42 19.45 -6.43 -9.70
C PRO A 42 19.54 -4.91 -9.61
N SER A 43 18.73 -4.31 -8.74
CA SER A 43 18.70 -2.86 -8.57
C SER A 43 19.73 -2.29 -7.61
N VAL A 44 20.33 -1.16 -7.98
CA VAL A 44 21.31 -0.53 -7.09
C VAL A 44 20.58 0.18 -5.96
N ALA A 45 19.49 0.88 -6.30
CA ALA A 45 18.70 1.63 -5.33
C ALA A 45 18.07 0.68 -4.32
N ALA A 46 17.67 -0.50 -4.76
CA ALA A 46 17.08 -1.49 -3.87
C ALA A 46 18.15 -1.99 -2.92
N THR A 47 19.32 -2.30 -3.46
CA THR A 47 20.40 -2.79 -2.63
C THR A 47 20.77 -1.76 -1.58
N LEU A 48 20.87 -0.49 -1.97
CA LEU A 48 21.22 0.55 -1.01
C LEU A 48 20.06 0.75 -0.05
N GLY A 49 18.85 0.49 -0.55
CA GLY A 49 17.65 0.66 0.25
C GLY A 49 17.55 -0.34 1.39
N PHE A 50 17.99 -1.57 1.15
CA PHE A 50 17.92 -2.59 2.19
C PHE A 50 18.89 -2.30 3.32
N GLY A 51 19.92 -1.52 3.01
CA GLY A 51 20.92 -1.20 4.01
C GLY A 51 20.33 -0.36 5.12
N ALA A 52 19.61 0.69 4.74
CA ALA A 52 19.00 1.60 5.69
C ALA A 52 17.91 0.92 6.52
N TYR A 53 17.09 0.08 5.89
CA TYR A 53 16.01 -0.60 6.59
C TYR A 53 16.47 -1.67 7.57
N MET A 54 17.50 -2.41 7.19
CA MET A 54 18.05 -3.45 8.06
C MET A 54 18.53 -2.88 9.38
N SER A 55 19.15 -1.72 9.31
CA SER A 55 19.67 -1.08 10.51
C SER A 55 18.55 -0.81 11.51
N LYS A 56 17.62 0.05 11.10
CA LYS A 56 16.49 0.42 11.94
C LYS A 56 15.56 -0.74 12.25
N ALA A 57 15.55 -1.76 11.40
CA ALA A 57 14.64 -2.87 11.63
C ALA A 57 15.19 -4.02 12.46
N HIS A 58 16.48 -4.30 12.31
CA HIS A 58 17.08 -5.40 13.04
C HIS A 58 18.33 -4.99 13.81
N GLY A 59 18.56 -3.68 13.86
CA GLY A 59 19.71 -3.16 14.59
C GLY A 59 21.04 -3.75 14.18
N ILE A 60 21.25 -3.88 12.88
CA ILE A 60 22.49 -4.42 12.34
C ILE A 60 22.79 -3.84 10.97
N ASP A 61 23.86 -3.04 10.92
CA ASP A 61 24.32 -2.40 9.68
C ASP A 61 24.95 -3.43 8.78
N PRO A 62 24.25 -3.82 7.70
CA PRO A 62 24.77 -4.81 6.76
C PRO A 62 25.83 -4.21 5.84
N ASN A 63 26.60 -5.09 5.21
CA ASN A 63 27.63 -4.67 4.28
C ASN A 63 26.91 -4.35 2.98
N ILE A 64 27.30 -3.24 2.35
CA ILE A 64 26.69 -2.79 1.10
C ILE A 64 27.76 -2.75 -0.01
N ARG A 65 27.48 -3.45 -1.10
CA ARG A 65 28.40 -3.47 -2.23
C ARG A 65 27.65 -3.13 -3.53
N THR A 66 28.00 -1.99 -4.11
CA THR A 66 27.42 -1.53 -5.36
C THR A 66 28.51 -0.86 -6.17
N GLY A 67 28.29 -0.67 -7.46
CA GLY A 67 29.30 -0.03 -8.28
C GLY A 67 29.68 1.35 -7.79
N VAL A 68 28.68 2.12 -7.37
CA VAL A 68 28.92 3.47 -6.88
C VAL A 68 29.54 3.51 -5.50
N ARG A 69 28.79 3.08 -4.50
CA ARG A 69 29.26 3.08 -3.12
C ARG A 69 29.42 1.71 -2.48
N THR A 70 30.49 1.55 -1.72
CA THR A 70 30.72 0.29 -1.02
C THR A 70 30.90 0.62 0.46
N ILE A 71 30.35 -0.23 1.32
CA ILE A 71 30.45 -0.04 2.76
C ILE A 71 30.65 -1.37 3.49
N THR A 72 31.73 -1.46 4.24
CA THR A 72 32.01 -2.68 4.99
C THR A 72 31.78 -2.44 6.48
N THR A 73 31.13 -3.39 7.13
CA THR A 73 30.82 -3.26 8.54
C THR A 73 31.16 -4.54 9.28
N GLY A 74 31.62 -5.54 8.56
CA GLY A 74 31.96 -6.79 9.20
C GLY A 74 30.71 -7.55 9.60
N ALA A 75 29.55 -6.94 9.37
CA ALA A 75 28.29 -7.60 9.70
C ALA A 75 28.16 -8.93 8.96
N PRO A 76 27.37 -9.86 9.49
CA PRO A 76 27.14 -11.19 8.91
C PRO A 76 26.26 -11.14 7.65
N ILE A 77 25.65 -9.99 7.40
CA ILE A 77 24.79 -9.85 6.22
C ILE A 77 25.38 -8.82 5.26
N THR A 78 25.40 -9.18 3.99
CA THR A 78 25.90 -8.30 2.96
C THR A 78 24.90 -8.16 1.80
N TYR A 79 24.63 -6.92 1.43
CA TYR A 79 23.73 -6.64 0.34
C TYR A 79 24.56 -6.15 -0.82
N SER A 80 24.29 -6.70 -1.99
CA SER A 80 25.01 -6.33 -3.18
C SER A 80 24.18 -6.61 -4.43
N THR A 81 24.47 -5.86 -5.48
CA THR A 81 23.80 -6.03 -6.77
C THR A 81 24.48 -7.19 -7.49
N TYR A 82 23.89 -7.69 -8.56
CA TYR A 82 24.55 -8.76 -9.28
C TYR A 82 25.78 -8.17 -9.98
N GLY A 83 25.61 -6.95 -10.50
CA GLY A 83 26.68 -6.29 -11.20
C GLY A 83 27.94 -6.21 -10.36
N LYS A 84 27.80 -5.64 -9.17
CA LYS A 84 28.93 -5.49 -8.29
C LYS A 84 29.49 -6.86 -7.90
N PHE A 85 28.62 -7.85 -7.75
CA PHE A 85 29.01 -9.20 -7.39
C PHE A 85 29.93 -9.78 -8.47
N LEU A 86 29.54 -9.59 -9.74
CA LEU A 86 30.32 -10.08 -10.86
C LEU A 86 31.67 -9.40 -10.93
N ALA A 87 31.67 -8.07 -10.77
CA ALA A 87 32.91 -7.31 -10.81
C ALA A 87 33.85 -7.73 -9.68
N ASP A 88 33.28 -8.28 -8.61
CA ASP A 88 34.11 -8.72 -7.49
C ASP A 88 34.66 -10.12 -7.75
N GLY A 89 34.42 -10.64 -8.95
CA GLY A 89 34.94 -11.96 -9.28
C GLY A 89 34.06 -13.13 -8.89
N GLY A 90 32.88 -12.84 -8.38
CA GLY A 90 31.97 -13.90 -7.98
C GLY A 90 32.04 -14.25 -6.51
N CYS A 91 31.86 -15.53 -6.22
CA CYS A 91 31.90 -16.05 -4.85
C CYS A 91 33.28 -16.04 -4.22
N SER A 92 33.40 -15.39 -3.07
CA SER A 92 34.67 -15.33 -2.36
C SER A 92 34.91 -16.67 -1.68
N GLY A 93 36.17 -17.08 -1.58
CA GLY A 93 36.47 -18.35 -0.93
C GLY A 93 36.07 -18.39 0.53
N GLY A 94 34.96 -19.06 0.82
CA GLY A 94 34.49 -19.16 2.19
C GLY A 94 34.10 -17.82 2.80
N ALA A 95 33.12 -17.15 2.20
CA ALA A 95 32.69 -15.86 2.71
C ALA A 95 31.28 -15.91 3.24
N TYR A 96 30.43 -16.71 2.61
CA TYR A 96 29.04 -16.83 3.04
C TYR A 96 28.56 -18.27 3.05
N ASP A 97 27.65 -18.58 3.97
CA ASP A 97 27.11 -19.93 4.08
C ASP A 97 25.81 -20.01 3.28
N ILE A 98 25.15 -18.87 3.13
CA ILE A 98 23.91 -18.79 2.38
C ILE A 98 23.92 -17.58 1.44
N ILE A 99 23.65 -17.86 0.17
CA ILE A 99 23.60 -16.81 -0.86
C ILE A 99 22.19 -16.72 -1.40
N ILE A 100 21.56 -15.56 -1.20
CA ILE A 100 20.20 -15.33 -1.67
C ILE A 100 20.18 -14.53 -2.97
N CYS A 101 19.58 -15.12 -3.99
CA CYS A 101 19.43 -14.49 -5.30
C CYS A 101 18.02 -13.96 -5.40
N ASP A 102 17.85 -12.68 -5.06
CA ASP A 102 16.55 -12.03 -5.07
C ASP A 102 16.13 -11.66 -6.52
N GLU A 103 14.82 -11.56 -6.74
CA GLU A 103 14.26 -11.21 -8.05
C GLU A 103 14.80 -12.14 -9.11
N CYS A 104 15.04 -13.38 -8.71
CA CYS A 104 15.60 -14.37 -9.60
C CYS A 104 14.78 -14.59 -10.86
N HIS A 105 13.65 -13.89 -10.98
CA HIS A 105 12.81 -14.02 -12.16
C HIS A 105 13.26 -13.05 -13.28
N SER A 106 14.12 -12.10 -12.93
CA SER A 106 14.65 -11.10 -13.88
C SER A 106 15.42 -11.72 -15.03
N THR A 107 15.08 -11.32 -16.24
CA THR A 107 15.73 -11.89 -17.40
C THR A 107 16.70 -10.94 -18.07
N ASP A 108 17.26 -10.02 -17.29
CA ASP A 108 18.22 -9.08 -17.83
C ASP A 108 19.57 -9.78 -17.82
N SER A 109 20.45 -9.42 -18.74
CA SER A 109 21.74 -10.08 -18.83
C SER A 109 22.56 -10.10 -17.55
N THR A 110 22.56 -9.02 -16.79
CA THR A 110 23.35 -9.00 -15.56
C THR A 110 22.90 -9.99 -14.47
N THR A 111 21.59 -10.15 -14.30
CA THR A 111 21.06 -11.05 -13.30
C THR A 111 21.31 -12.51 -13.68
N ILE A 112 21.05 -12.85 -14.94
CA ILE A 112 21.24 -14.20 -15.45
C ILE A 112 22.70 -14.62 -15.29
N LEU A 113 23.62 -13.73 -15.64
CA LEU A 113 25.03 -14.04 -15.51
C LEU A 113 25.37 -14.17 -14.03
N GLY A 114 24.80 -13.28 -13.23
CA GLY A 114 25.05 -13.28 -11.81
C GLY A 114 24.62 -14.58 -11.15
N ILE A 115 23.37 -14.94 -11.37
CA ILE A 115 22.84 -16.16 -10.80
C ILE A 115 23.60 -17.36 -11.33
N GLY A 116 23.95 -17.34 -12.61
CA GLY A 116 24.68 -18.45 -13.16
C GLY A 116 26.05 -18.60 -12.53
N THR A 117 26.60 -17.47 -12.08
CA THR A 117 27.92 -17.45 -11.46
C THR A 117 27.82 -18.04 -10.06
N VAL A 118 26.70 -17.78 -9.38
CA VAL A 118 26.46 -18.30 -8.05
C VAL A 118 26.26 -19.80 -8.11
N LEU A 119 25.40 -20.25 -9.02
CA LEU A 119 25.11 -21.66 -9.16
C LEU A 119 26.32 -22.50 -9.52
N ASP A 120 27.39 -21.87 -9.94
CA ASP A 120 28.57 -22.60 -10.35
C ASP A 120 29.70 -22.51 -9.35
N GLN A 121 29.70 -21.44 -8.57
CA GLN A 121 30.77 -21.20 -7.62
C GLN A 121 30.38 -21.37 -6.16
N ALA A 122 29.09 -21.27 -5.89
CA ALA A 122 28.56 -21.37 -4.54
C ALA A 122 29.16 -22.50 -3.72
N GLU A 123 28.82 -23.75 -4.05
CA GLU A 123 29.33 -24.91 -3.32
C GLU A 123 30.84 -24.88 -3.10
N THR A 124 31.61 -24.78 -4.18
CA THR A 124 33.06 -24.74 -4.08
C THR A 124 33.54 -23.61 -3.17
N ALA A 125 32.84 -22.48 -3.19
CA ALA A 125 33.19 -21.32 -2.37
C ALA A 125 32.90 -21.57 -0.90
N GLY A 126 32.26 -22.70 -0.61
CA GLY A 126 31.97 -23.04 0.77
C GLY A 126 30.53 -22.84 1.23
N ALA A 127 29.75 -22.10 0.45
CA ALA A 127 28.36 -21.85 0.79
C ALA A 127 27.65 -23.18 1.04
N ARG A 128 26.69 -23.16 1.96
CA ARG A 128 25.91 -24.35 2.31
C ARG A 128 24.54 -24.35 1.64
N LEU A 129 24.07 -23.19 1.23
CA LEU A 129 22.76 -23.11 0.58
C LEU A 129 22.58 -21.88 -0.33
N VAL A 130 21.89 -22.06 -1.44
CA VAL A 130 21.62 -20.97 -2.35
C VAL A 130 20.10 -20.82 -2.42
N VAL A 131 19.61 -19.59 -2.32
CA VAL A 131 18.18 -19.33 -2.35
C VAL A 131 17.76 -18.48 -3.55
N LEU A 132 16.92 -19.07 -4.41
CA LEU A 132 16.42 -18.39 -5.59
C LEU A 132 15.04 -17.85 -5.23
N ALA A 133 15.00 -16.63 -4.69
CA ALA A 133 13.77 -16.01 -4.26
C ALA A 133 13.11 -15.11 -5.28
N THR A 134 11.79 -15.22 -5.38
CA THR A 134 11.02 -14.42 -6.31
C THR A 134 9.53 -14.47 -5.97
N ALA A 135 8.82 -13.38 -6.24
CA ALA A 135 7.39 -13.35 -5.97
C ALA A 135 6.61 -13.78 -7.20
N THR A 136 7.28 -13.84 -8.35
CA THR A 136 6.64 -14.24 -9.60
C THR A 136 7.44 -15.34 -10.31
N PRO A 137 7.33 -16.59 -9.81
CA PRO A 137 8.03 -17.75 -10.38
C PRO A 137 7.75 -17.94 -11.86
N PRO A 138 8.55 -18.76 -12.54
CA PRO A 138 8.32 -18.97 -13.97
C PRO A 138 6.94 -19.53 -14.22
N GLY A 139 6.25 -18.99 -15.21
CA GLY A 139 4.92 -19.48 -15.52
C GLY A 139 3.83 -18.83 -14.69
N SER A 140 4.09 -17.62 -14.19
CA SER A 140 3.13 -16.91 -13.38
C SER A 140 2.10 -16.16 -14.22
N VAL A 141 0.94 -15.92 -13.64
CA VAL A 141 -0.13 -15.19 -14.32
C VAL A 141 -0.71 -14.16 -13.38
N THR A 142 -0.86 -12.94 -13.88
CA THR A 142 -1.40 -11.85 -13.06
C THR A 142 -2.69 -12.25 -12.37
N VAL A 143 -2.78 -11.93 -11.08
CA VAL A 143 -3.96 -12.24 -10.28
C VAL A 143 -4.59 -10.93 -9.80
N PRO A 144 -5.93 -10.88 -9.72
CA PRO A 144 -6.63 -9.67 -9.27
C PRO A 144 -6.10 -9.15 -7.94
N HIS A 145 -5.76 -7.86 -7.90
CA HIS A 145 -5.23 -7.27 -6.69
C HIS A 145 -6.35 -6.65 -5.86
N PRO A 146 -6.32 -6.87 -4.54
CA PRO A 146 -7.33 -6.36 -3.61
C PRO A 146 -7.70 -4.88 -3.80
N ASN A 147 -6.75 -4.00 -3.49
CA ASN A 147 -6.98 -2.56 -3.61
C ASN A 147 -7.04 -2.05 -5.04
N ILE A 148 -7.05 -2.95 -6.01
CA ILE A 148 -7.08 -2.56 -7.43
C ILE A 148 -8.25 -3.14 -8.20
N GLU A 149 -8.89 -2.30 -9.00
CA GLU A 149 -10.02 -2.71 -9.81
C GLU A 149 -9.69 -2.42 -11.27
N GLU A 150 -9.53 -3.49 -12.03
CA GLU A 150 -9.19 -3.39 -13.44
C GLU A 150 -10.38 -3.11 -14.34
N VAL A 151 -10.18 -2.23 -15.31
CA VAL A 151 -11.22 -1.86 -16.27
C VAL A 151 -10.62 -1.70 -17.66
N ALA A 152 -11.24 -2.35 -18.65
CA ALA A 152 -10.76 -2.28 -20.05
C ALA A 152 -11.09 -0.94 -20.70
N LEU A 153 -10.53 -0.72 -21.88
CA LEU A 153 -10.76 0.50 -22.62
C LEU A 153 -11.57 0.20 -23.87
N SER A 154 -12.09 1.24 -24.50
CA SER A 154 -12.90 1.08 -25.71
C SER A 154 -12.65 2.28 -26.63
N SER A 155 -13.37 2.32 -27.74
CA SER A 155 -13.23 3.41 -28.71
C SER A 155 -13.77 4.69 -28.10
N THR A 156 -14.58 4.54 -27.05
CA THR A 156 -15.18 5.68 -26.36
C THR A 156 -14.09 6.50 -25.69
N GLY A 157 -13.75 7.64 -26.30
CA GLY A 157 -12.73 8.50 -25.72
C GLY A 157 -12.25 9.54 -26.72
N GLU A 158 -11.67 10.62 -26.20
CA GLU A 158 -11.16 11.70 -27.02
C GLU A 158 -9.64 11.64 -27.24
N ILE A 159 -8.98 10.71 -26.56
CA ILE A 159 -7.53 10.57 -26.67
C ILE A 159 -7.18 9.17 -27.16
N PRO A 160 -6.74 9.07 -28.43
CA PRO A 160 -6.36 7.78 -29.01
C PRO A 160 -5.17 7.16 -28.27
N PHE A 161 -5.21 5.86 -28.04
CA PHE A 161 -4.13 5.21 -27.32
C PHE A 161 -3.44 4.14 -28.18
N TYR A 162 -3.74 2.87 -27.91
CA TYR A 162 -3.13 1.79 -28.69
C TYR A 162 -4.23 0.89 -29.23
N GLY A 163 -5.04 1.45 -30.13
CA GLY A 163 -6.13 0.68 -30.69
C GLY A 163 -7.45 1.13 -30.10
N LYS A 164 -7.36 1.87 -28.99
CA LYS A 164 -8.56 2.40 -28.30
C LYS A 164 -8.42 3.90 -28.02
N ALA A 165 -9.13 4.38 -27.01
CA ALA A 165 -9.08 5.80 -26.63
C ALA A 165 -9.21 5.94 -25.12
N ILE A 166 -8.87 7.12 -24.61
CA ILE A 166 -8.94 7.38 -23.17
C ILE A 166 -9.85 8.56 -22.87
N PRO A 167 -10.96 8.33 -22.13
CA PRO A 167 -11.91 9.39 -21.77
C PRO A 167 -11.23 10.55 -21.06
N ILE A 168 -11.57 11.77 -21.46
CA ILE A 168 -10.98 12.98 -20.87
C ILE A 168 -11.22 13.06 -19.36
N GLU A 169 -12.44 12.76 -18.94
CA GLU A 169 -12.81 12.81 -17.52
C GLU A 169 -12.14 11.70 -16.72
N THR A 170 -11.78 10.62 -17.40
CA THR A 170 -11.12 9.48 -16.76
C THR A 170 -9.83 9.91 -16.09
N ILE A 171 -9.21 10.95 -16.62
CA ILE A 171 -7.97 11.45 -16.07
C ILE A 171 -8.04 12.95 -15.88
N LYS A 172 -9.26 13.49 -15.91
CA LYS A 172 -9.49 14.92 -15.75
C LYS A 172 -8.78 15.45 -14.50
N GLY A 173 -9.11 14.88 -13.34
CA GLY A 173 -8.48 15.34 -12.12
C GLY A 173 -7.79 14.21 -11.37
N GLY A 174 -6.92 14.57 -10.43
CA GLY A 174 -6.21 13.57 -9.65
C GLY A 174 -4.86 13.25 -10.27
N ARG A 175 -4.17 12.30 -9.64
CA ARG A 175 -2.85 11.85 -10.08
C ARG A 175 -2.97 10.53 -10.82
N HIS A 176 -2.51 10.50 -12.07
CA HIS A 176 -2.59 9.29 -12.89
C HIS A 176 -1.24 8.91 -13.51
N LEU A 177 -1.11 7.64 -13.90
CA LEU A 177 0.11 7.13 -14.51
C LEU A 177 -0.19 6.40 -15.83
N ILE A 178 0.33 6.93 -16.93
CA ILE A 178 0.11 6.33 -18.25
C ILE A 178 1.39 5.64 -18.74
N PHE A 179 1.29 4.37 -19.10
CA PHE A 179 2.42 3.61 -19.59
C PHE A 179 2.45 3.47 -21.11
N CYS A 180 3.54 3.93 -21.71
CA CYS A 180 3.75 3.84 -23.15
C CYS A 180 5.00 3.00 -23.43
N HIS A 181 5.07 2.39 -24.61
CA HIS A 181 6.20 1.54 -24.95
C HIS A 181 7.42 2.33 -25.42
N SER A 182 7.19 3.33 -26.27
CA SER A 182 8.28 4.15 -26.80
C SER A 182 8.45 5.45 -26.05
N LYS A 183 9.69 5.92 -25.97
CA LYS A 183 10.00 7.15 -25.28
C LYS A 183 9.48 8.37 -26.06
N LYS A 184 9.39 8.26 -27.38
CA LYS A 184 8.91 9.36 -28.20
C LYS A 184 7.39 9.49 -28.09
N LYS A 185 6.69 8.35 -28.06
CA LYS A 185 5.25 8.38 -27.96
C LYS A 185 4.83 8.89 -26.58
N CYS A 186 5.76 8.88 -25.62
CA CYS A 186 5.47 9.38 -24.28
C CYS A 186 5.38 10.90 -24.36
N ASP A 187 6.26 11.50 -25.13
CA ASP A 187 6.28 12.94 -25.31
C ASP A 187 5.11 13.38 -26.20
N GLU A 188 4.67 12.47 -27.08
CA GLU A 188 3.55 12.74 -27.97
C GLU A 188 2.25 12.75 -27.15
N LEU A 189 1.95 11.63 -26.50
CA LEU A 189 0.76 11.51 -25.67
C LEU A 189 0.70 12.61 -24.65
N ALA A 190 1.82 12.86 -23.98
CA ALA A 190 1.89 13.92 -22.97
C ALA A 190 1.62 15.27 -23.63
N ALA A 191 2.08 15.42 -24.87
CA ALA A 191 1.89 16.66 -25.61
C ALA A 191 0.40 16.97 -25.76
N LYS A 192 -0.36 16.03 -26.32
CA LYS A 192 -1.78 16.21 -26.52
C LYS A 192 -2.48 16.53 -25.21
N LEU A 193 -2.39 15.61 -24.25
CA LEU A 193 -3.02 15.79 -22.96
C LEU A 193 -2.72 17.15 -22.34
N SER A 194 -1.44 17.51 -22.30
CA SER A 194 -1.04 18.78 -21.72
C SER A 194 -1.61 19.92 -22.58
N GLY A 195 -1.74 19.65 -23.88
CA GLY A 195 -2.28 20.64 -24.79
C GLY A 195 -3.75 20.89 -24.47
N LEU A 196 -4.44 19.84 -24.04
CA LEU A 196 -5.86 19.93 -23.69
C LEU A 196 -6.02 20.53 -22.30
N GLY A 197 -5.07 21.38 -21.93
CA GLY A 197 -5.13 22.04 -20.64
C GLY A 197 -4.70 21.17 -19.46
N LEU A 198 -4.79 19.85 -19.64
CA LEU A 198 -4.42 18.91 -18.59
C LEU A 198 -2.97 19.10 -18.15
N ASN A 199 -2.70 18.79 -16.88
CA ASN A 199 -1.35 18.90 -16.35
C ASN A 199 -0.64 17.55 -16.53
N ALA A 200 -0.10 17.31 -17.73
CA ALA A 200 0.59 16.06 -18.03
C ALA A 200 2.08 16.24 -18.31
N VAL A 201 2.89 15.33 -17.79
CA VAL A 201 4.34 15.36 -17.97
C VAL A 201 4.84 13.99 -18.38
N ALA A 202 5.97 13.95 -19.08
CA ALA A 202 6.56 12.70 -19.54
C ALA A 202 7.78 12.33 -18.70
N TYR A 203 8.01 11.03 -18.56
CA TYR A 203 9.15 10.54 -17.78
C TYR A 203 9.76 9.27 -18.37
N TYR A 204 11.08 9.17 -18.27
CA TYR A 204 11.82 8.02 -18.77
C TYR A 204 13.30 8.10 -18.41
N ARG A 205 14.06 7.05 -18.73
CA ARG A 205 15.48 7.01 -18.42
C ARG A 205 16.21 8.23 -18.96
N GLY A 206 16.71 9.06 -18.05
CA GLY A 206 17.43 10.26 -18.43
C GLY A 206 16.93 11.44 -17.62
N LEU A 207 15.62 11.67 -17.68
CA LEU A 207 14.98 12.76 -16.96
C LEU A 207 15.02 12.49 -15.46
N ASP A 208 15.19 13.54 -14.66
CA ASP A 208 15.23 13.38 -13.21
C ASP A 208 13.80 13.25 -12.68
N VAL A 209 13.64 12.50 -11.59
CA VAL A 209 12.34 12.28 -10.99
C VAL A 209 11.66 13.59 -10.56
N SER A 210 12.46 14.59 -10.24
CA SER A 210 11.96 15.89 -9.81
C SER A 210 10.95 16.51 -10.79
N VAL A 211 10.89 15.96 -11.99
CA VAL A 211 9.97 16.45 -13.01
C VAL A 211 8.50 16.22 -12.62
N ILE A 212 8.24 15.09 -11.96
CA ILE A 212 6.88 14.76 -11.54
C ILE A 212 6.58 15.40 -10.19
N PRO A 213 5.54 16.25 -10.14
CA PRO A 213 5.14 16.93 -8.89
C PRO A 213 4.71 15.93 -7.82
N THR A 214 5.39 15.99 -6.68
CA THR A 214 5.09 15.07 -5.59
C THR A 214 3.64 15.18 -5.08
N SER A 215 2.96 16.26 -5.44
CA SER A 215 1.58 16.47 -5.01
C SER A 215 0.78 17.23 -6.06
N GLY A 216 -0.55 17.24 -5.89
CA GLY A 216 -1.41 17.94 -6.81
C GLY A 216 -1.78 17.15 -8.04
N ASP A 217 -2.82 17.59 -8.74
CA ASP A 217 -3.28 16.93 -9.96
C ASP A 217 -2.12 16.81 -10.95
N VAL A 218 -2.04 15.66 -11.61
CA VAL A 218 -0.99 15.42 -12.59
C VAL A 218 -1.16 14.10 -13.31
N ILE A 219 -0.69 14.06 -14.56
CA ILE A 219 -0.77 12.87 -15.38
C ILE A 219 0.66 12.56 -15.86
N VAL A 220 1.15 11.37 -15.53
CA VAL A 220 2.51 11.00 -15.93
C VAL A 220 2.53 9.94 -17.03
N VAL A 221 3.12 10.29 -18.16
CA VAL A 221 3.23 9.37 -19.29
C VAL A 221 4.68 8.91 -19.32
N ALA A 222 4.95 7.75 -18.74
CA ALA A 222 6.32 7.26 -18.71
C ALA A 222 6.49 5.85 -19.25
N THR A 223 7.73 5.39 -19.25
CA THR A 223 8.08 4.05 -19.70
C THR A 223 8.27 3.26 -18.42
N ASP A 224 8.85 2.07 -18.52
CA ASP A 224 9.08 1.26 -17.33
C ASP A 224 10.29 1.78 -16.54
N ALA A 225 10.69 3.01 -16.82
CA ALA A 225 11.81 3.63 -16.13
C ALA A 225 11.54 3.72 -14.64
N LEU A 226 12.52 3.30 -13.85
CA LEU A 226 12.40 3.32 -12.41
C LEU A 226 12.43 4.75 -11.87
N MET A 227 11.40 5.09 -11.10
CA MET A 227 11.29 6.41 -10.51
C MET A 227 11.98 6.44 -9.16
N THR A 228 13.29 6.18 -9.18
CA THR A 228 14.10 6.14 -7.98
C THR A 228 13.91 7.42 -7.15
N GLY A 229 13.50 7.23 -5.90
CA GLY A 229 13.29 8.36 -5.01
C GLY A 229 11.98 9.07 -5.28
N PHE A 230 10.90 8.30 -5.41
CA PHE A 230 9.59 8.87 -5.68
C PHE A 230 8.46 7.99 -5.18
N THR A 231 7.65 8.55 -4.27
CA THR A 231 6.51 7.83 -3.70
C THR A 231 5.46 7.66 -4.79
N GLY A 232 5.29 6.40 -5.21
CA GLY A 232 4.31 6.08 -6.24
C GLY A 232 2.90 6.43 -5.85
N ASP A 233 2.03 5.43 -5.80
CA ASP A 233 0.64 5.65 -5.44
C ASP A 233 -0.05 6.63 -6.39
N PHE A 234 -0.79 6.08 -7.35
CA PHE A 234 -1.52 6.87 -8.34
C PHE A 234 -3.00 6.48 -8.24
N ASP A 235 -3.88 7.40 -8.58
CA ASP A 235 -5.31 7.10 -8.51
C ASP A 235 -5.67 6.04 -9.52
N SER A 236 -4.97 6.03 -10.65
CA SER A 236 -5.22 5.05 -11.70
C SER A 236 -3.96 4.78 -12.50
N VAL A 237 -4.01 3.70 -13.29
CA VAL A 237 -2.90 3.32 -14.15
C VAL A 237 -3.39 2.83 -15.52
N ILE A 238 -3.01 3.56 -16.56
CA ILE A 238 -3.39 3.21 -17.94
C ILE A 238 -2.16 2.58 -18.59
N ASP A 239 -2.29 1.32 -18.98
CA ASP A 239 -1.21 0.57 -19.60
C ASP A 239 -1.47 0.24 -21.06
N CYS A 240 -0.45 0.42 -21.90
CA CYS A 240 -0.55 0.10 -23.32
C CYS A 240 -0.37 -1.41 -23.55
N ASN A 241 0.08 -2.12 -22.53
CA ASN A 241 0.28 -3.57 -22.59
C ASN A 241 1.28 -4.00 -23.66
N THR A 242 2.38 -3.27 -23.77
CA THR A 242 3.42 -3.59 -24.74
C THR A 242 4.78 -3.25 -24.16
N CYS A 243 5.71 -4.17 -24.36
CA CYS A 243 7.08 -4.05 -23.89
C CYS A 243 8.07 -4.02 -25.05
N VAL A 244 9.15 -3.27 -24.86
CA VAL A 244 10.19 -3.15 -25.86
C VAL A 244 11.30 -4.12 -25.48
N THR A 245 11.61 -5.06 -26.36
CA THR A 245 12.69 -6.04 -26.11
C THR A 245 13.58 -6.27 -27.34
N GLN A 246 14.73 -6.87 -27.13
CA GLN A 246 15.64 -7.14 -28.23
C GLN A 246 15.45 -8.59 -28.64
N THR A 247 15.40 -8.83 -29.94
CA THR A 247 15.24 -10.17 -30.45
C THR A 247 16.34 -10.45 -31.48
N VAL A 248 16.75 -11.71 -31.57
CA VAL A 248 17.80 -12.08 -32.51
C VAL A 248 17.19 -12.90 -33.64
N ASP A 249 17.63 -12.63 -34.86
CA ASP A 249 17.14 -13.35 -36.01
C ASP A 249 18.31 -13.83 -36.85
N PHE A 250 18.39 -15.13 -37.10
CA PHE A 250 19.48 -15.69 -37.90
C PHE A 250 19.06 -15.61 -39.36
N SER A 251 19.09 -14.39 -39.86
CA SER A 251 18.71 -14.03 -41.21
C SER A 251 19.76 -14.38 -42.25
N LEU A 252 20.92 -14.86 -41.82
CA LEU A 252 21.98 -15.25 -42.74
C LEU A 252 22.22 -14.20 -43.84
N ASP A 253 22.24 -12.92 -43.48
CA ASP A 253 22.46 -11.84 -44.42
C ASP A 253 23.51 -10.85 -43.95
N PRO A 254 24.77 -11.29 -43.76
CA PRO A 254 25.27 -12.64 -43.96
C PRO A 254 25.23 -13.56 -42.75
N THR A 255 25.01 -13.01 -41.57
CA THR A 255 25.02 -13.80 -40.37
C THR A 255 23.74 -13.65 -39.57
N PHE A 256 23.78 -12.85 -38.52
CA PHE A 256 22.58 -12.67 -37.72
C PHE A 256 22.16 -11.20 -37.61
N THR A 257 21.01 -10.98 -36.99
CA THR A 257 20.47 -9.65 -36.84
C THR A 257 19.89 -9.51 -35.46
N ILE A 258 20.31 -8.49 -34.74
CA ILE A 258 19.77 -8.23 -33.43
C ILE A 258 19.05 -6.90 -33.55
N GLU A 259 17.75 -6.91 -33.28
CA GLU A 259 16.95 -5.70 -33.37
C GLU A 259 16.03 -5.58 -32.16
N THR A 260 15.74 -4.34 -31.79
CA THR A 260 14.87 -4.08 -30.65
C THR A 260 13.48 -3.85 -31.21
N THR A 261 12.52 -4.63 -30.73
CA THR A 261 11.15 -4.53 -31.20
C THR A 261 10.17 -4.44 -30.03
N THR A 262 8.89 -4.57 -30.33
CA THR A 262 7.85 -4.51 -29.31
C THR A 262 7.26 -5.90 -29.14
N VAL A 263 6.38 -6.06 -28.18
CA VAL A 263 5.75 -7.36 -27.92
C VAL A 263 4.79 -7.25 -26.74
N PRO A 264 3.69 -8.01 -26.77
CA PRO A 264 2.74 -7.95 -25.65
C PRO A 264 3.41 -8.27 -24.33
N GLN A 265 3.07 -7.51 -23.29
CA GLN A 265 3.65 -7.70 -21.97
C GLN A 265 3.34 -9.06 -21.40
N ASP A 266 4.17 -9.49 -20.46
CA ASP A 266 4.00 -10.78 -19.80
C ASP A 266 3.48 -10.51 -18.40
N ALA A 267 3.20 -11.56 -17.65
CA ALA A 267 2.69 -11.42 -16.29
C ALA A 267 3.48 -10.38 -15.47
N VAL A 268 4.79 -10.58 -15.38
CA VAL A 268 5.65 -9.67 -14.61
C VAL A 268 5.41 -8.22 -15.01
N SER A 269 5.50 -7.93 -16.29
CA SER A 269 5.31 -6.57 -16.76
C SER A 269 3.96 -6.01 -16.31
N ARG A 270 2.91 -6.76 -16.63
CA ARG A 270 1.54 -6.38 -16.29
C ARG A 270 1.43 -6.14 -14.79
N SER A 271 1.88 -7.11 -14.00
CA SER A 271 1.84 -7.01 -12.54
C SER A 271 2.54 -5.76 -12.03
N GLN A 272 3.79 -5.55 -12.44
CA GLN A 272 4.56 -4.39 -12.02
C GLN A 272 3.90 -3.06 -12.37
N ARG A 273 3.41 -2.94 -13.60
CA ARG A 273 2.77 -1.70 -14.00
C ARG A 273 1.47 -1.47 -13.23
N ARG A 274 0.63 -2.50 -13.20
CA ARG A 274 -0.64 -2.40 -12.49
C ARG A 274 -0.41 -2.17 -11.00
N GLY A 275 0.78 -2.50 -10.51
CA GLY A 275 1.07 -2.33 -9.10
C GLY A 275 1.42 -0.92 -8.66
N ARG A 276 1.48 0.01 -9.61
CA ARG A 276 1.81 1.38 -9.27
C ARG A 276 0.62 2.10 -8.66
N THR A 277 -0.52 1.43 -8.61
CA THR A 277 -1.76 1.98 -8.04
C THR A 277 -2.37 1.00 -7.04
N GLY A 278 -3.27 1.50 -6.20
CA GLY A 278 -3.91 0.64 -5.23
C GLY A 278 -3.04 0.40 -4.01
N ARG A 279 -2.23 1.39 -3.66
CA ARG A 279 -1.35 1.28 -2.51
C ARG A 279 -1.99 1.93 -1.29
N GLY A 280 -2.53 1.10 -0.39
CA GLY A 280 -3.16 1.63 0.80
C GLY A 280 -4.59 2.10 0.55
N ARG A 281 -4.95 2.29 -0.71
CA ARG A 281 -6.29 2.71 -1.08
C ARG A 281 -6.76 2.04 -2.35
N MET A 282 -8.04 2.18 -2.68
CA MET A 282 -8.62 1.58 -3.89
C MET A 282 -8.07 2.28 -5.13
N GLY A 283 -7.49 1.50 -6.04
CA GLY A 283 -6.94 2.08 -7.26
C GLY A 283 -7.61 1.54 -8.50
N ILE A 284 -7.21 2.03 -9.66
CA ILE A 284 -7.81 1.61 -10.93
C ILE A 284 -6.74 1.20 -11.93
N TYR A 285 -7.08 0.25 -12.80
CA TYR A 285 -6.15 -0.21 -13.82
C TYR A 285 -6.83 -0.32 -15.17
N ARG A 286 -6.53 0.63 -16.06
CA ARG A 286 -7.13 0.66 -17.40
C ARG A 286 -6.14 0.11 -18.43
N PHE A 287 -6.50 -1.03 -19.02
CA PHE A 287 -5.67 -1.70 -20.00
C PHE A 287 -6.22 -1.62 -21.42
N VAL A 288 -5.44 -2.10 -22.38
CA VAL A 288 -5.84 -2.10 -23.78
C VAL A 288 -6.01 -3.54 -24.26
N THR A 289 -5.44 -4.47 -23.50
CA THR A 289 -5.51 -5.89 -23.82
C THR A 289 -5.71 -6.69 -22.54
N PRO A 290 -6.63 -7.66 -22.58
CA PRO A 290 -6.91 -8.50 -21.42
C PRO A 290 -5.87 -9.59 -21.17
N GLY A 291 -5.55 -10.34 -22.21
CA GLY A 291 -4.59 -11.42 -22.07
C GLY A 291 -3.22 -10.98 -21.60
N GLU A 292 -2.30 -11.94 -21.62
CA GLU A 292 -0.92 -11.72 -21.21
C GLU A 292 -0.11 -12.99 -21.42
N ARG A 293 1.13 -12.82 -21.86
CA ARG A 293 2.02 -13.96 -22.08
C ARG A 293 2.63 -14.40 -20.76
N PRO A 294 2.68 -15.71 -20.51
CA PRO A 294 3.26 -16.25 -19.26
C PRO A 294 4.71 -15.79 -19.07
N SER A 295 5.05 -15.42 -17.85
CA SER A 295 6.39 -14.96 -17.54
C SER A 295 7.29 -16.17 -17.35
N GLY A 296 8.58 -15.99 -17.60
CA GLY A 296 9.51 -17.09 -17.43
C GLY A 296 10.27 -17.47 -18.68
N MET A 297 10.28 -16.59 -19.68
CA MET A 297 11.02 -16.87 -20.90
C MET A 297 11.75 -15.61 -21.39
N PHE A 298 12.95 -15.79 -21.91
CA PHE A 298 13.70 -14.67 -22.46
C PHE A 298 14.34 -15.08 -23.78
N ASP A 299 14.62 -14.10 -24.62
CA ASP A 299 15.17 -14.37 -25.93
C ASP A 299 16.65 -14.76 -25.93
N SER A 300 17.06 -15.41 -27.02
CA SER A 300 18.44 -15.83 -27.21
C SER A 300 19.38 -14.61 -27.25
N SER A 301 18.85 -13.47 -27.70
CA SER A 301 19.65 -12.26 -27.78
C SER A 301 20.24 -11.90 -26.40
N VAL A 302 19.54 -12.28 -25.34
CA VAL A 302 20.01 -12.02 -23.98
C VAL A 302 21.34 -12.78 -23.69
N LEU A 303 21.42 -14.04 -24.12
CA LEU A 303 22.62 -14.83 -23.87
C LEU A 303 23.77 -14.15 -24.59
N CYS A 304 23.47 -13.59 -25.75
CA CYS A 304 24.48 -12.86 -26.53
C CYS A 304 24.95 -11.69 -25.66
N GLU A 305 24.02 -11.03 -24.97
CA GLU A 305 24.36 -9.90 -24.10
C GLU A 305 25.30 -10.33 -22.97
N CYS A 306 25.13 -11.57 -22.50
CA CYS A 306 25.92 -12.15 -21.42
C CYS A 306 27.38 -12.35 -21.87
N TYR A 307 27.57 -12.95 -23.04
CA TYR A 307 28.91 -13.13 -23.57
C TYR A 307 29.57 -11.76 -23.83
N ASP A 308 28.79 -10.79 -24.31
CA ASP A 308 29.30 -9.45 -24.56
C ASP A 308 29.75 -8.83 -23.24
N ALA A 309 28.90 -8.89 -22.22
CA ALA A 309 29.24 -8.32 -20.91
C ALA A 309 30.44 -9.06 -20.30
N GLY A 310 30.46 -10.38 -20.43
CA GLY A 310 31.59 -11.13 -19.92
C GLY A 310 32.87 -10.68 -20.59
N CYS A 311 32.78 -10.31 -21.87
CA CYS A 311 33.95 -9.87 -22.62
C CYS A 311 34.31 -8.42 -22.34
N ALA A 312 33.31 -7.57 -22.29
CA ALA A 312 33.55 -6.16 -22.08
C ALA A 312 33.71 -5.71 -20.64
N TRP A 313 33.06 -6.38 -19.70
CA TRP A 313 33.12 -5.92 -18.33
C TRP A 313 33.77 -6.81 -17.29
N TYR A 314 33.52 -8.11 -17.39
CA TYR A 314 33.99 -9.04 -16.40
C TYR A 314 35.19 -9.89 -16.78
N GLU A 315 35.97 -9.44 -17.74
CA GLU A 315 37.14 -10.18 -18.18
C GLU A 315 36.94 -11.70 -18.18
N LEU A 316 35.84 -12.16 -18.76
CA LEU A 316 35.55 -13.60 -18.85
C LEU A 316 35.72 -14.08 -20.28
N THR A 317 36.38 -15.22 -20.48
CA THR A 317 36.55 -15.74 -21.82
C THR A 317 35.18 -16.27 -22.22
N PRO A 318 34.97 -16.49 -23.53
CA PRO A 318 33.68 -17.00 -23.96
C PRO A 318 33.35 -18.34 -23.27
N ALA A 319 34.34 -19.22 -23.18
CA ALA A 319 34.17 -20.53 -22.53
C ALA A 319 33.81 -20.37 -21.05
N GLU A 320 34.45 -19.42 -20.37
CA GLU A 320 34.18 -19.14 -18.95
C GLU A 320 32.71 -18.73 -18.75
N THR A 321 32.25 -17.80 -19.58
CA THR A 321 30.87 -17.33 -19.55
C THR A 321 29.91 -18.51 -19.77
N SER A 322 30.30 -19.44 -20.63
CA SER A 322 29.48 -20.62 -20.89
C SER A 322 29.29 -21.48 -19.64
N VAL A 323 30.32 -21.59 -18.82
CA VAL A 323 30.23 -22.39 -17.61
C VAL A 323 29.14 -21.81 -16.72
N ARG A 324 29.17 -20.49 -16.52
CA ARG A 324 28.17 -19.85 -15.68
C ARG A 324 26.77 -19.88 -16.30
N LEU A 325 26.68 -19.75 -17.61
CA LEU A 325 25.36 -19.78 -18.26
C LEU A 325 24.84 -21.21 -18.32
N ARG A 326 25.74 -22.16 -18.49
CA ARG A 326 25.34 -23.56 -18.55
C ARG A 326 24.71 -23.94 -17.19
N ALA A 327 25.31 -23.48 -16.09
CA ALA A 327 24.76 -23.77 -14.76
C ALA A 327 23.35 -23.19 -14.59
N TYR A 328 23.11 -22.01 -15.18
CA TYR A 328 21.81 -21.36 -15.08
C TYR A 328 20.74 -22.12 -15.82
N LEU A 329 21.03 -22.43 -17.08
CA LEU A 329 20.13 -23.18 -17.93
C LEU A 329 19.90 -24.63 -17.50
N ASN A 330 20.77 -25.14 -16.60
CA ASN A 330 20.66 -26.51 -16.09
C ASN A 330 19.95 -26.58 -14.73
N THR A 331 19.50 -25.42 -14.24
CA THR A 331 18.84 -25.33 -12.95
C THR A 331 17.34 -25.06 -13.12
N PRO A 332 16.50 -26.03 -12.71
CA PRO A 332 15.05 -25.89 -12.82
C PRO A 332 14.49 -24.79 -11.95
N GLY A 333 13.33 -24.30 -12.34
CA GLY A 333 12.68 -23.26 -11.58
C GLY A 333 13.07 -21.87 -11.99
N LEU A 334 13.93 -21.76 -13.00
CA LEU A 334 14.36 -20.45 -13.47
C LEU A 334 13.89 -20.17 -14.88
N PRO A 335 13.97 -18.89 -15.30
CA PRO A 335 13.54 -18.49 -16.64
C PRO A 335 14.31 -19.30 -17.68
N VAL A 336 13.58 -19.74 -18.70
CA VAL A 336 14.18 -20.55 -19.74
C VAL A 336 14.36 -19.82 -21.05
N CYS A 337 15.28 -20.35 -21.84
CA CYS A 337 15.64 -19.78 -23.12
C CYS A 337 16.24 -20.88 -23.98
N GLN A 338 16.19 -20.74 -25.30
CA GLN A 338 16.75 -21.73 -26.19
C GLN A 338 18.23 -21.88 -25.94
N ASP A 339 18.69 -23.12 -25.86
CA ASP A 339 20.09 -23.37 -25.60
C ASP A 339 20.96 -22.99 -26.79
N HIS A 340 21.57 -21.80 -26.73
CA HIS A 340 22.43 -21.30 -27.79
C HIS A 340 23.78 -20.92 -27.26
N LEU A 341 24.15 -21.50 -26.13
CA LEU A 341 25.43 -21.21 -25.54
C LEU A 341 26.57 -21.55 -26.46
N GLU A 342 26.54 -22.75 -27.04
CA GLU A 342 27.60 -23.20 -27.92
C GLU A 342 27.79 -22.30 -29.13
N PHE A 343 26.68 -21.91 -29.75
CA PHE A 343 26.72 -21.03 -30.91
C PHE A 343 27.25 -19.65 -30.53
N TRP A 344 26.71 -19.08 -29.46
CA TRP A 344 27.16 -17.75 -29.07
C TRP A 344 28.61 -17.78 -28.66
N GLU A 345 29.02 -18.84 -27.99
CA GLU A 345 30.40 -18.95 -27.56
C GLU A 345 31.33 -18.96 -28.76
N SER A 346 30.98 -19.75 -29.76
CA SER A 346 31.83 -19.86 -30.93
C SER A 346 31.97 -18.53 -31.64
N VAL A 347 30.93 -17.71 -31.58
CA VAL A 347 30.91 -16.42 -32.22
C VAL A 347 31.91 -15.52 -31.54
N PHE A 348 31.74 -15.32 -30.25
CA PHE A 348 32.64 -14.46 -29.52
C PHE A 348 34.07 -14.93 -29.45
N THR A 349 34.29 -16.22 -29.61
CA THR A 349 35.65 -16.79 -29.58
C THR A 349 36.45 -16.27 -30.77
N GLY A 350 35.77 -15.96 -31.85
CA GLY A 350 36.47 -15.46 -33.00
C GLY A 350 36.64 -13.95 -33.00
N LEU A 351 36.07 -13.27 -32.02
CA LEU A 351 36.20 -11.80 -31.96
C LEU A 351 37.41 -11.39 -31.15
N THR A 352 38.59 -11.60 -31.72
CA THR A 352 39.84 -11.30 -31.03
C THR A 352 40.53 -10.01 -31.45
N HIS A 353 41.39 -9.54 -30.55
CA HIS A 353 42.19 -8.34 -30.75
C HIS A 353 41.28 -7.14 -30.98
N ILE A 354 40.37 -6.93 -30.06
CA ILE A 354 39.46 -5.81 -30.19
C ILE A 354 40.23 -4.53 -29.83
N ASP A 355 39.85 -3.42 -30.44
CA ASP A 355 40.51 -2.14 -30.17
C ASP A 355 40.09 -1.70 -28.78
N ALA A 356 41.05 -1.64 -27.86
CA ALA A 356 40.78 -1.24 -26.47
C ALA A 356 40.11 0.11 -26.39
N HIS A 357 40.55 1.04 -27.23
CA HIS A 357 39.98 2.37 -27.23
C HIS A 357 38.49 2.33 -27.60
N PHE A 358 38.16 1.70 -28.72
CA PHE A 358 36.76 1.59 -29.14
C PHE A 358 35.91 0.94 -28.07
N LEU A 359 36.44 -0.12 -27.44
CA LEU A 359 35.69 -0.83 -26.41
C LEU A 359 35.39 0.12 -25.27
N SER A 360 36.43 0.84 -24.87
CA SER A 360 36.30 1.79 -23.79
C SER A 360 35.22 2.80 -24.10
N GLN A 361 35.16 3.23 -25.35
CA GLN A 361 34.18 4.22 -25.75
C GLN A 361 32.76 3.68 -25.72
N THR A 362 32.54 2.53 -26.35
CA THR A 362 31.21 1.93 -26.35
C THR A 362 30.73 1.61 -24.94
N LYS A 363 31.63 1.16 -24.08
CA LYS A 363 31.25 0.85 -22.70
C LYS A 363 30.84 2.12 -21.99
N GLN A 364 31.70 3.13 -22.07
CA GLN A 364 31.44 4.40 -21.43
C GLN A 364 30.16 5.04 -21.95
N ALA A 365 29.82 4.74 -23.19
CA ALA A 365 28.62 5.31 -23.78
C ALA A 365 27.37 4.63 -23.27
N GLY A 366 27.55 3.52 -22.55
CA GLY A 366 26.40 2.79 -22.01
C GLY A 366 25.53 2.17 -23.10
N ASP A 367 26.13 1.94 -24.25
CA ASP A 367 25.44 1.35 -25.39
C ASP A 367 25.23 -0.16 -25.23
N ASN A 368 24.24 -0.71 -25.91
CA ASN A 368 23.97 -2.15 -25.86
C ASN A 368 24.98 -2.88 -26.74
N PHE A 369 25.39 -4.07 -26.30
CA PHE A 369 26.36 -4.87 -27.03
C PHE A 369 27.60 -4.06 -27.35
N PRO A 370 28.20 -3.44 -26.34
CA PRO A 370 29.40 -2.63 -26.56
C PRO A 370 30.53 -3.45 -27.16
N TYR A 371 30.58 -4.72 -26.83
CA TYR A 371 31.66 -5.51 -27.37
C TYR A 371 31.49 -5.69 -28.87
N LEU A 372 30.32 -6.13 -29.30
CA LEU A 372 30.06 -6.36 -30.72
C LEU A 372 30.16 -5.05 -31.50
N VAL A 373 29.73 -3.95 -30.87
CA VAL A 373 29.81 -2.65 -31.51
C VAL A 373 31.27 -2.30 -31.68
N ALA A 374 32.02 -2.28 -30.59
CA ALA A 374 33.44 -1.94 -30.67
C ALA A 374 34.25 -2.85 -31.60
N TYR A 375 33.84 -4.11 -31.72
CA TYR A 375 34.56 -5.07 -32.57
C TYR A 375 34.31 -4.82 -34.05
N GLN A 376 33.07 -4.47 -34.38
CA GLN A 376 32.68 -4.16 -35.75
C GLN A 376 33.45 -2.90 -36.11
N ALA A 377 33.47 -1.94 -35.20
CA ALA A 377 34.20 -0.69 -35.42
C ALA A 377 35.69 -0.97 -35.64
N THR A 378 36.23 -1.92 -34.88
CA THR A 378 37.62 -2.31 -34.98
C THR A 378 37.95 -2.85 -36.38
N VAL A 379 37.08 -3.71 -36.87
CA VAL A 379 37.21 -4.33 -38.19
C VAL A 379 37.11 -3.22 -39.25
N CYS A 380 36.19 -2.30 -39.05
CA CYS A 380 36.01 -1.20 -39.99
C CYS A 380 37.27 -0.37 -40.11
N ALA A 381 37.81 0.06 -38.97
CA ALA A 381 39.00 0.88 -38.95
C ALA A 381 40.18 0.12 -39.50
N ARG A 382 40.25 -1.16 -39.14
CA ARG A 382 41.34 -1.99 -39.60
C ARG A 382 41.26 -2.11 -41.11
N ALA A 383 40.08 -1.92 -41.68
CA ALA A 383 39.91 -2.00 -43.12
C ALA A 383 39.73 -0.61 -43.72
N GLN A 384 39.88 0.44 -42.91
CA GLN A 384 39.69 1.80 -43.39
C GLN A 384 38.32 1.87 -44.09
N ALA A 385 37.36 1.12 -43.56
CA ALA A 385 36.02 1.08 -44.13
C ALA A 385 35.01 1.76 -43.21
N PRO A 386 33.96 2.36 -43.78
CA PRO A 386 32.98 3.01 -42.91
C PRO A 386 32.06 2.06 -42.13
N PRO A 387 31.50 2.54 -41.03
CA PRO A 387 30.61 1.64 -40.29
C PRO A 387 29.28 1.37 -41.03
N PRO A 388 28.42 0.49 -40.48
CA PRO A 388 27.12 0.16 -41.09
C PRO A 388 26.32 1.43 -41.36
N SER A 389 26.52 2.45 -40.53
CA SER A 389 25.83 3.73 -40.69
C SER A 389 26.42 4.74 -39.74
N TRP A 390 25.93 5.98 -39.77
CA TRP A 390 26.44 6.98 -38.85
C TRP A 390 25.49 7.33 -37.73
N ASP A 391 24.72 6.31 -37.34
CA ASP A 391 23.78 6.38 -36.24
C ASP A 391 24.68 6.53 -35.02
N GLN A 392 24.11 7.06 -33.95
CA GLN A 392 24.84 7.28 -32.74
C GLN A 392 25.66 6.08 -32.23
N MET A 393 25.19 4.86 -32.48
CA MET A 393 25.93 3.70 -32.00
C MET A 393 27.32 3.52 -32.61
N TRP A 394 27.62 4.22 -33.70
CA TRP A 394 28.94 4.10 -34.29
C TRP A 394 29.82 5.32 -34.05
N LYS A 395 29.35 6.24 -33.20
CA LYS A 395 30.09 7.48 -32.91
C LYS A 395 31.53 7.33 -32.47
N CYS A 396 31.96 6.10 -32.23
CA CYS A 396 33.34 5.91 -31.79
C CYS A 396 34.28 6.01 -33.00
N LEU A 397 33.70 5.93 -34.20
CA LEU A 397 34.48 6.02 -35.43
C LEU A 397 34.45 7.42 -36.09
N ILE A 398 33.71 8.35 -35.49
CA ILE A 398 33.57 9.71 -36.04
C ILE A 398 34.86 10.42 -36.41
N ARG A 399 35.86 10.36 -35.55
CA ARG A 399 37.13 11.02 -35.86
C ARG A 399 37.85 10.38 -37.05
N LEU A 400 37.45 9.18 -37.45
CA LEU A 400 38.11 8.51 -38.58
C LEU A 400 37.33 8.63 -39.88
N LYS A 401 36.12 9.18 -39.79
CA LYS A 401 35.26 9.32 -40.95
C LYS A 401 35.94 9.82 -42.22
N PRO A 402 36.83 10.83 -42.12
CA PRO A 402 37.50 11.34 -43.32
C PRO A 402 38.30 10.28 -44.09
N THR A 403 38.82 9.30 -43.39
CA THR A 403 39.64 8.25 -44.02
C THR A 403 38.98 6.90 -44.23
N LEU A 404 37.68 6.82 -44.00
CA LEU A 404 36.94 5.57 -44.16
C LEU A 404 36.15 5.66 -45.45
N HIS A 405 36.27 4.64 -46.29
CA HIS A 405 35.59 4.62 -47.58
C HIS A 405 35.32 3.19 -48.04
N GLY A 406 34.34 3.05 -48.93
CA GLY A 406 33.99 1.75 -49.47
C GLY A 406 32.95 0.96 -48.70
N PRO A 407 32.80 -0.33 -49.03
CA PRO A 407 31.83 -1.20 -48.36
C PRO A 407 32.15 -1.49 -46.89
N THR A 408 31.12 -1.63 -46.07
CA THR A 408 31.30 -1.96 -44.67
C THR A 408 31.51 -3.48 -44.57
N PRO A 409 32.59 -3.94 -43.89
CA PRO A 409 32.83 -5.38 -43.74
C PRO A 409 31.83 -5.80 -42.67
N LEU A 410 30.60 -6.03 -43.08
CA LEU A 410 29.54 -6.40 -42.14
C LEU A 410 29.74 -7.76 -41.46
N LEU A 411 29.78 -7.78 -40.12
CA LEU A 411 29.96 -9.01 -39.35
C LEU A 411 28.61 -9.56 -38.89
N TYR A 412 27.67 -8.65 -38.70
CA TYR A 412 26.33 -8.95 -38.24
C TYR A 412 25.59 -7.62 -38.28
N ARG A 413 24.26 -7.66 -38.10
CA ARG A 413 23.44 -6.45 -38.13
C ARG A 413 22.92 -6.05 -36.75
N LEU A 414 23.34 -4.88 -36.27
CA LEU A 414 22.92 -4.36 -34.98
C LEU A 414 22.20 -3.06 -35.27
N GLY A 415 21.07 -3.13 -35.95
CA GLY A 415 20.36 -1.92 -36.29
C GLY A 415 20.35 -1.77 -37.81
N ALA A 416 19.91 -0.61 -38.29
CA ALA A 416 19.83 -0.35 -39.71
C ALA A 416 21.21 -0.22 -40.34
N VAL A 417 21.33 -0.65 -41.59
CA VAL A 417 22.60 -0.59 -42.30
C VAL A 417 22.41 0.34 -43.50
N GLN A 418 23.06 1.49 -43.47
CA GLN A 418 22.96 2.48 -44.54
C GLN A 418 24.03 2.34 -45.62
N ASN A 419 25.25 2.01 -45.21
CA ASN A 419 26.34 1.88 -46.16
C ASN A 419 26.31 0.61 -46.99
N GLU A 420 27.10 0.58 -48.05
CA GLU A 420 27.17 -0.61 -48.88
C GLU A 420 27.87 -1.68 -48.03
N VAL A 421 27.57 -2.94 -48.32
CA VAL A 421 28.09 -4.06 -47.55
C VAL A 421 28.91 -5.08 -48.33
N THR A 422 29.93 -5.60 -47.67
CA THR A 422 30.72 -6.65 -48.27
C THR A 422 30.73 -7.76 -47.23
N THR A 423 30.88 -9.00 -47.67
CA THR A 423 30.89 -10.12 -46.74
C THR A 423 32.16 -10.95 -46.88
N THR A 424 33.15 -10.39 -47.55
CA THR A 424 34.40 -11.09 -47.81
C THR A 424 35.37 -11.11 -46.61
N HIS A 425 35.11 -10.29 -45.59
CA HIS A 425 36.02 -10.24 -44.43
C HIS A 425 36.09 -11.58 -43.72
N PRO A 426 37.32 -12.00 -43.36
CA PRO A 426 37.53 -13.28 -42.67
C PRO A 426 36.64 -13.52 -41.45
N ILE A 427 36.47 -12.49 -40.63
CA ILE A 427 35.64 -12.63 -39.43
C ILE A 427 34.19 -12.93 -39.78
N THR A 428 33.72 -12.38 -40.90
CA THR A 428 32.35 -12.61 -41.35
C THR A 428 32.19 -14.04 -41.84
N LYS A 429 33.24 -14.54 -42.49
CA LYS A 429 33.23 -15.90 -43.01
C LYS A 429 33.23 -16.87 -41.85
N TYR A 430 34.04 -16.52 -40.84
CA TYR A 430 34.11 -17.30 -39.61
C TYR A 430 32.75 -17.34 -38.97
N ILE A 431 32.09 -16.18 -38.84
CA ILE A 431 30.79 -16.17 -38.20
C ILE A 431 29.74 -16.94 -39.01
N MET A 432 29.76 -16.76 -40.34
CA MET A 432 28.85 -17.48 -41.22
C MET A 432 29.00 -18.97 -40.93
N ALA A 433 30.25 -19.42 -40.82
CA ALA A 433 30.53 -20.81 -40.54
C ALA A 433 29.92 -21.27 -39.21
N CYS A 434 29.91 -20.40 -38.20
CA CYS A 434 29.34 -20.75 -36.91
C CYS A 434 27.84 -21.02 -37.04
N MET A 435 27.19 -20.26 -37.92
CA MET A 435 25.76 -20.42 -38.17
C MET A 435 25.45 -21.87 -38.60
N SER A 436 26.48 -22.64 -38.97
CA SER A 436 26.32 -24.03 -39.41
C SER A 436 26.99 -25.05 -38.45
N SER B 1 -19.34 -13.07 -7.20
CA SER B 1 -18.60 -13.68 -6.05
C SER B 1 -19.28 -13.39 -4.72
N PRO B 2 -19.71 -12.13 -4.47
CA PRO B 2 -20.39 -11.78 -3.21
C PRO B 2 -21.66 -12.60 -3.01
N PRO B 3 -22.30 -12.48 -1.83
CA PRO B 3 -23.54 -13.22 -1.53
C PRO B 3 -24.60 -13.03 -2.62
N ALA B 4 -25.22 -14.14 -3.04
CA ALA B 4 -26.26 -14.10 -4.06
C ALA B 4 -27.54 -13.48 -3.49
N VAL B 5 -28.35 -12.88 -4.35
CA VAL B 5 -29.59 -12.27 -3.91
C VAL B 5 -30.70 -13.30 -3.74
N PRO B 6 -31.09 -13.58 -2.49
CA PRO B 6 -32.13 -14.55 -2.14
C PRO B 6 -33.49 -14.14 -2.66
N GLN B 7 -34.40 -15.11 -2.77
CA GLN B 7 -35.74 -14.82 -3.24
C GLN B 7 -36.53 -14.12 -2.14
N THR B 8 -36.24 -14.52 -0.90
CA THR B 8 -36.90 -13.94 0.27
C THR B 8 -35.84 -13.26 1.12
N PHE B 9 -36.25 -12.28 1.92
CA PHE B 9 -35.33 -11.55 2.79
C PHE B 9 -34.32 -12.47 3.46
N GLN B 10 -33.10 -11.96 3.62
CA GLN B 10 -32.02 -12.69 4.25
C GLN B 10 -30.89 -11.75 4.72
N VAL B 11 -30.30 -12.09 5.87
CA VAL B 11 -29.21 -11.30 6.42
C VAL B 11 -27.94 -12.11 6.26
N ALA B 12 -26.93 -11.55 5.62
CA ALA B 12 -25.68 -12.27 5.38
C ALA B 12 -24.44 -11.52 5.87
N HIS B 13 -23.40 -12.27 6.21
CA HIS B 13 -22.15 -11.68 6.67
C HIS B 13 -21.14 -11.70 5.54
N LEU B 14 -20.16 -10.81 5.57
CA LEU B 14 -19.16 -10.77 4.53
C LEU B 14 -17.80 -10.46 5.12
N HIS B 15 -17.10 -11.51 5.54
CA HIS B 15 -15.77 -11.38 6.12
C HIS B 15 -14.73 -11.44 5.01
N ALA B 16 -14.20 -10.27 4.65
CA ALA B 16 -13.20 -10.20 3.60
C ALA B 16 -12.04 -9.29 3.99
N PRO B 17 -10.85 -9.56 3.46
CA PRO B 17 -9.68 -8.73 3.79
C PRO B 17 -9.76 -7.29 3.28
N THR B 18 -8.82 -6.47 3.75
CA THR B 18 -8.69 -5.07 3.39
C THR B 18 -9.96 -4.43 2.86
N GLY B 19 -10.77 -3.91 3.77
CA GLY B 19 -12.02 -3.27 3.40
C GLY B 19 -11.85 -2.09 2.45
N SER B 20 -12.55 -2.16 1.34
CA SER B 20 -12.51 -1.12 0.31
C SER B 20 -13.30 -1.67 -0.86
N GLY B 21 -13.09 -2.96 -1.13
CA GLY B 21 -13.78 -3.64 -2.21
C GLY B 21 -15.19 -4.00 -1.81
N LYS B 22 -15.38 -4.34 -0.53
CA LYS B 22 -16.69 -4.71 -0.02
C LYS B 22 -17.65 -3.53 -0.02
N SER B 23 -17.13 -2.35 -0.34
CA SER B 23 -17.94 -1.14 -0.38
C SER B 23 -17.89 -0.46 -1.75
N THR B 24 -17.27 -1.12 -2.73
CA THR B 24 -17.16 -0.61 -4.09
C THR B 24 -17.44 -1.73 -5.09
N LYS B 25 -16.60 -2.76 -5.09
CA LYS B 25 -16.79 -3.89 -5.99
C LYS B 25 -18.09 -4.61 -5.73
N VAL B 26 -18.32 -4.96 -4.48
CA VAL B 26 -19.52 -5.69 -4.11
C VAL B 26 -20.77 -4.98 -4.55
N PRO B 27 -20.93 -3.72 -4.13
CA PRO B 27 -22.15 -3.02 -4.56
C PRO B 27 -22.21 -2.87 -6.08
N ALA B 28 -21.06 -2.63 -6.70
CA ALA B 28 -20.99 -2.48 -8.15
C ALA B 28 -21.52 -3.72 -8.87
N ALA B 29 -21.24 -4.88 -8.29
CA ALA B 29 -21.67 -6.15 -8.86
C ALA B 29 -23.18 -6.31 -8.75
N TYR B 30 -23.77 -5.88 -7.64
CA TYR B 30 -25.21 -5.98 -7.47
C TYR B 30 -25.93 -5.00 -8.39
N ALA B 31 -25.41 -3.78 -8.48
CA ALA B 31 -26.03 -2.75 -9.30
C ALA B 31 -26.09 -3.19 -10.74
N ALA B 32 -25.07 -3.94 -11.13
CA ALA B 32 -24.96 -4.47 -12.48
C ALA B 32 -26.24 -5.23 -12.86
N GLN B 33 -26.81 -5.96 -11.90
CA GLN B 33 -28.04 -6.73 -12.15
C GLN B 33 -29.32 -5.92 -11.97
N GLY B 34 -29.18 -4.61 -11.75
CA GLY B 34 -30.37 -3.79 -11.59
C GLY B 34 -30.86 -3.60 -10.16
N TYR B 35 -30.12 -4.15 -9.20
CA TYR B 35 -30.49 -4.02 -7.80
C TYR B 35 -30.12 -2.66 -7.22
N LYS B 36 -31.05 -2.03 -6.51
CA LYS B 36 -30.82 -0.75 -5.86
C LYS B 36 -30.02 -1.08 -4.61
N VAL B 37 -28.83 -0.51 -4.49
CA VAL B 37 -28.01 -0.84 -3.35
C VAL B 37 -27.70 0.36 -2.47
N LEU B 38 -27.75 0.15 -1.17
CA LEU B 38 -27.41 1.20 -0.23
C LEU B 38 -26.20 0.70 0.56
N VAL B 39 -25.16 1.52 0.66
CA VAL B 39 -23.93 1.16 1.38
C VAL B 39 -23.76 2.08 2.59
N LEU B 40 -23.68 1.50 3.77
CA LEU B 40 -23.52 2.31 4.97
C LEU B 40 -22.13 2.26 5.56
N ASN B 41 -21.60 3.43 5.90
CA ASN B 41 -20.29 3.55 6.51
C ASN B 41 -20.38 4.54 7.65
N PRO B 42 -19.64 4.27 8.72
CA PRO B 42 -19.68 5.19 9.86
C PRO B 42 -19.05 6.54 9.54
N SER B 43 -17.93 6.51 8.83
CA SER B 43 -17.16 7.70 8.45
C SER B 43 -17.76 8.59 7.36
N VAL B 44 -17.65 9.89 7.55
CA VAL B 44 -18.18 10.85 6.57
C VAL B 44 -17.23 10.95 5.39
N ALA B 45 -15.94 10.92 5.68
CA ALA B 45 -14.91 11.01 4.67
C ALA B 45 -15.02 9.81 3.76
N ALA B 46 -15.02 8.63 4.38
CA ALA B 46 -15.11 7.38 3.65
C ALA B 46 -16.33 7.36 2.74
N THR B 47 -17.46 7.82 3.26
CA THR B 47 -18.71 7.85 2.51
C THR B 47 -18.57 8.71 1.28
N LEU B 48 -18.14 9.95 1.48
CA LEU B 48 -17.91 10.88 0.39
C LEU B 48 -16.82 10.32 -0.51
N GLY B 49 -15.85 9.67 0.11
CA GLY B 49 -14.75 9.07 -0.64
C GLY B 49 -15.21 7.97 -1.58
N PHE B 50 -15.87 6.98 -1.03
CA PHE B 50 -16.37 5.86 -1.83
C PHE B 50 -17.17 6.35 -3.02
N GLY B 51 -17.88 7.45 -2.83
CA GLY B 51 -18.68 8.00 -3.90
C GLY B 51 -17.84 8.53 -5.03
N ALA B 52 -16.82 9.31 -4.66
CA ALA B 52 -15.90 9.93 -5.63
C ALA B 52 -15.13 8.89 -6.44
N TYR B 53 -14.91 7.74 -5.83
CA TYR B 53 -14.19 6.67 -6.47
C TYR B 53 -15.07 5.92 -7.47
N MET B 54 -16.33 5.73 -7.13
CA MET B 54 -17.24 5.03 -8.01
C MET B 54 -17.47 5.74 -9.34
N SER B 55 -17.49 7.06 -9.32
CA SER B 55 -17.73 7.83 -10.54
C SER B 55 -16.76 7.49 -11.66
N LYS B 56 -15.52 7.21 -11.30
CA LYS B 56 -14.49 6.89 -12.28
C LYS B 56 -14.29 5.38 -12.43
N ALA B 57 -14.19 4.68 -11.32
CA ALA B 57 -13.98 3.25 -11.35
C ALA B 57 -15.11 2.46 -12.00
N HIS B 58 -16.31 3.04 -12.06
CA HIS B 58 -17.45 2.34 -12.65
C HIS B 58 -18.32 3.24 -13.53
N GLY B 59 -17.87 4.48 -13.73
CA GLY B 59 -18.61 5.42 -14.55
C GLY B 59 -20.06 5.51 -14.09
N ILE B 60 -20.27 6.02 -12.88
CA ILE B 60 -21.62 6.14 -12.34
C ILE B 60 -21.61 6.92 -11.04
N ASP B 61 -22.01 8.19 -11.11
CA ASP B 61 -22.05 9.06 -9.95
C ASP B 61 -23.15 8.58 -9.03
N PRO B 62 -22.77 7.99 -7.89
CA PRO B 62 -23.75 7.49 -6.93
C PRO B 62 -24.35 8.58 -6.06
N ASN B 63 -25.48 8.25 -5.42
CA ASN B 63 -26.14 9.20 -4.51
C ASN B 63 -25.27 9.24 -3.25
N ILE B 64 -25.12 10.41 -2.66
CA ILE B 64 -24.32 10.60 -1.46
C ILE B 64 -25.17 11.27 -0.39
N ARG B 65 -25.28 10.61 0.77
CA ARG B 65 -26.06 11.18 1.86
C ARG B 65 -25.24 11.30 3.15
N THR B 66 -24.89 12.54 3.50
CA THR B 66 -24.13 12.80 4.72
C THR B 66 -24.69 14.05 5.38
N GLY B 67 -24.13 14.41 6.53
CA GLY B 67 -24.61 15.60 7.22
C GLY B 67 -24.20 16.89 6.52
N VAL B 68 -22.96 16.93 6.03
CA VAL B 68 -22.44 18.13 5.36
C VAL B 68 -22.83 18.25 3.89
N ARG B 69 -23.06 17.12 3.23
CA ARG B 69 -23.40 17.12 1.81
C ARG B 69 -24.35 15.98 1.41
N THR B 70 -25.31 16.30 0.57
CA THR B 70 -26.28 15.33 0.10
C THR B 70 -26.46 15.50 -1.39
N ILE B 71 -25.91 14.58 -2.17
CA ILE B 71 -26.05 14.66 -3.62
C ILE B 71 -26.97 13.56 -4.14
N THR B 72 -27.96 13.95 -4.94
CA THR B 72 -28.89 13.00 -5.53
C THR B 72 -28.64 12.90 -7.03
N THR B 73 -28.55 11.68 -7.53
CA THR B 73 -28.29 11.51 -8.94
C THR B 73 -29.27 10.56 -9.59
N GLY B 74 -29.91 9.72 -8.79
CA GLY B 74 -30.86 8.77 -9.34
C GLY B 74 -30.22 7.43 -9.58
N ALA B 75 -28.90 7.37 -9.37
CA ALA B 75 -28.15 6.14 -9.55
C ALA B 75 -28.72 5.04 -8.67
N PRO B 76 -28.54 3.78 -9.07
CA PRO B 76 -29.03 2.62 -8.31
C PRO B 76 -28.21 2.39 -7.02
N ILE B 77 -27.07 3.04 -6.91
CA ILE B 77 -26.23 2.88 -5.73
C ILE B 77 -26.26 4.17 -4.89
N THR B 78 -26.38 4.01 -3.58
CA THR B 78 -26.41 5.14 -2.67
C THR B 78 -25.41 4.94 -1.52
N TYR B 79 -24.58 5.93 -1.28
CA TYR B 79 -23.60 5.87 -0.21
C TYR B 79 -24.00 6.84 0.88
N SER B 80 -24.11 6.34 2.09
CA SER B 80 -24.52 7.17 3.21
C SER B 80 -23.84 6.73 4.49
N THR B 81 -23.80 7.66 5.43
CA THR B 81 -23.25 7.40 6.75
C THR B 81 -24.43 6.85 7.55
N TYR B 82 -24.11 6.10 8.60
CA TYR B 82 -25.12 5.56 9.49
C TYR B 82 -25.83 6.73 10.14
N GLY B 83 -25.10 7.79 10.41
CA GLY B 83 -25.69 8.96 11.03
C GLY B 83 -26.78 9.56 10.17
N LYS B 84 -26.45 9.80 8.91
CA LYS B 84 -27.39 10.37 7.98
C LYS B 84 -28.54 9.40 7.72
N PHE B 85 -28.25 8.12 7.66
CA PHE B 85 -29.30 7.13 7.44
C PHE B 85 -30.32 7.24 8.60
N LEU B 86 -29.82 7.32 9.83
CA LEU B 86 -30.72 7.45 10.98
C LEU B 86 -31.54 8.73 10.94
N ALA B 87 -30.93 9.84 10.55
CA ALA B 87 -31.63 11.11 10.46
C ALA B 87 -32.70 11.07 9.38
N ASP B 88 -32.48 10.28 8.33
CA ASP B 88 -33.47 10.21 7.28
C ASP B 88 -34.68 9.41 7.65
N GLY B 89 -34.63 8.79 8.83
CA GLY B 89 -35.74 7.98 9.31
C GLY B 89 -35.54 6.49 9.14
N GLY B 90 -34.36 6.09 8.68
CA GLY B 90 -34.07 4.67 8.47
C GLY B 90 -34.53 4.24 7.09
N CYS B 91 -34.92 2.96 6.95
CA CYS B 91 -35.40 2.39 5.70
C CYS B 91 -36.71 3.04 5.26
N SER B 92 -36.70 3.74 4.13
CA SER B 92 -37.91 4.41 3.64
C SER B 92 -38.53 3.64 2.47
N GLY B 93 -39.77 3.19 2.65
CA GLY B 93 -40.45 2.46 1.59
C GLY B 93 -39.55 1.45 0.90
N GLY B 94 -39.86 1.15 -0.36
CA GLY B 94 -39.06 0.20 -1.11
C GLY B 94 -37.97 0.90 -1.90
N ALA B 95 -37.13 1.65 -1.17
CA ALA B 95 -36.05 2.39 -1.80
C ALA B 95 -34.87 1.51 -2.25
N TYR B 96 -34.56 0.47 -1.47
CA TYR B 96 -33.42 -0.40 -1.78
C TYR B 96 -33.74 -1.90 -1.73
N ASP B 97 -33.00 -2.66 -2.54
CA ASP B 97 -33.18 -4.10 -2.60
C ASP B 97 -32.11 -4.72 -1.73
N ILE B 98 -30.96 -4.06 -1.70
CA ILE B 98 -29.84 -4.53 -0.91
C ILE B 98 -29.23 -3.43 -0.05
N ILE B 99 -28.93 -3.75 1.19
CA ILE B 99 -28.34 -2.79 2.10
C ILE B 99 -27.04 -3.36 2.65
N ILE B 100 -25.95 -2.67 2.35
CA ILE B 100 -24.67 -3.13 2.85
C ILE B 100 -24.26 -2.31 4.05
N CYS B 101 -24.01 -3.02 5.14
CA CYS B 101 -23.59 -2.37 6.37
C CYS B 101 -22.10 -2.57 6.52
N ASP B 102 -21.34 -1.59 6.06
CA ASP B 102 -19.88 -1.64 6.10
C ASP B 102 -19.32 -1.40 7.50
N GLU B 103 -18.22 -2.10 7.81
CA GLU B 103 -17.55 -1.98 9.11
C GLU B 103 -18.54 -2.30 10.22
N CYS B 104 -19.24 -3.42 10.08
CA CYS B 104 -20.24 -3.78 11.05
C CYS B 104 -19.62 -4.21 12.39
N HIS B 105 -18.32 -4.11 12.50
CA HIS B 105 -17.67 -4.47 13.75
C HIS B 105 -17.57 -3.25 14.66
N SER B 106 -17.84 -2.06 14.11
CA SER B 106 -17.77 -0.82 14.88
C SER B 106 -18.69 -0.84 16.07
N THR B 107 -18.17 -0.41 17.21
CA THR B 107 -18.96 -0.42 18.43
C THR B 107 -19.39 0.97 18.88
N ASP B 108 -19.43 1.92 17.95
CA ASP B 108 -19.87 3.28 18.28
C ASP B 108 -21.39 3.31 18.25
N SER B 109 -21.97 4.16 19.11
CA SER B 109 -23.42 4.25 19.22
C SER B 109 -24.13 4.44 17.90
N THR B 110 -23.61 5.32 17.05
CA THR B 110 -24.27 5.55 15.76
C THR B 110 -24.34 4.33 14.85
N THR B 111 -23.24 3.58 14.76
CA THR B 111 -23.22 2.39 13.93
C THR B 111 -24.19 1.33 14.44
N ILE B 112 -24.16 1.07 15.74
CA ILE B 112 -25.02 0.07 16.37
C ILE B 112 -26.49 0.45 16.24
N LEU B 113 -26.80 1.73 16.48
CA LEU B 113 -28.19 2.14 16.36
C LEU B 113 -28.55 2.05 14.87
N GLY B 114 -27.60 2.41 14.01
CA GLY B 114 -27.87 2.33 12.59
C GLY B 114 -28.12 0.93 12.09
N ILE B 115 -27.21 0.01 12.41
CA ILE B 115 -27.36 -1.37 11.96
C ILE B 115 -28.64 -2.01 12.53
N GLY B 116 -28.98 -1.66 13.77
CA GLY B 116 -30.17 -2.20 14.38
C GLY B 116 -31.41 -1.77 13.64
N THR B 117 -31.38 -0.54 13.18
CA THR B 117 -32.49 0.02 12.45
C THR B 117 -32.71 -0.72 11.13
N VAL B 118 -31.63 -0.99 10.42
CA VAL B 118 -31.75 -1.68 9.14
C VAL B 118 -32.21 -3.10 9.38
N LEU B 119 -31.65 -3.75 10.40
CA LEU B 119 -32.03 -5.13 10.70
C LEU B 119 -33.50 -5.23 11.12
N ASP B 120 -34.06 -4.14 11.63
CA ASP B 120 -35.45 -4.17 12.05
C ASP B 120 -36.43 -3.64 11.00
N GLN B 121 -35.94 -2.87 10.04
CA GLN B 121 -36.84 -2.32 9.04
C GLN B 121 -36.64 -2.87 7.64
N ALA B 122 -35.45 -3.42 7.40
CA ALA B 122 -35.09 -3.96 6.06
C ALA B 122 -36.20 -4.70 5.33
N GLU B 123 -36.66 -5.83 5.88
CA GLU B 123 -37.71 -6.64 5.25
C GLU B 123 -38.97 -5.87 4.93
N THR B 124 -39.57 -5.25 5.93
CA THR B 124 -40.78 -4.48 5.72
C THR B 124 -40.57 -3.36 4.69
N ALA B 125 -39.32 -2.94 4.50
CA ALA B 125 -39.06 -1.86 3.55
C ALA B 125 -39.00 -2.38 2.13
N GLY B 126 -39.07 -3.70 2.00
CA GLY B 126 -39.03 -4.30 0.69
C GLY B 126 -37.67 -4.87 0.36
N ALA B 127 -36.65 -4.53 1.15
CA ALA B 127 -35.31 -5.05 0.91
C ALA B 127 -35.30 -6.58 0.82
N ARG B 128 -34.31 -7.13 0.13
CA ARG B 128 -34.23 -8.57 -0.02
C ARG B 128 -32.96 -9.14 0.59
N LEU B 129 -31.97 -8.26 0.82
CA LEU B 129 -30.71 -8.72 1.38
C LEU B 129 -29.95 -7.64 2.15
N VAL B 130 -29.50 -8.01 3.34
CA VAL B 130 -28.73 -7.12 4.18
C VAL B 130 -27.35 -7.75 4.39
N VAL B 131 -26.30 -7.04 3.99
CA VAL B 131 -24.96 -7.56 4.14
C VAL B 131 -24.17 -6.87 5.24
N LEU B 132 -23.72 -7.66 6.22
CA LEU B 132 -22.94 -7.16 7.33
C LEU B 132 -21.49 -7.40 6.98
N ALA B 133 -20.86 -6.37 6.39
CA ALA B 133 -19.48 -6.49 5.97
C ALA B 133 -18.47 -5.96 6.99
N THR B 134 -17.37 -6.69 7.11
CA THR B 134 -16.30 -6.31 8.00
C THR B 134 -15.05 -7.14 7.74
N ALA B 135 -13.89 -6.50 7.85
CA ALA B 135 -12.65 -7.21 7.64
C ALA B 135 -12.19 -7.80 8.97
N THR B 136 -12.81 -7.34 10.05
CA THR B 136 -12.45 -7.81 11.38
C THR B 136 -13.68 -8.17 12.19
N PRO B 137 -14.29 -9.34 11.92
CA PRO B 137 -15.48 -9.79 12.64
C PRO B 137 -15.19 -10.11 14.10
N PRO B 138 -16.23 -10.22 14.93
CA PRO B 138 -16.08 -10.53 16.36
C PRO B 138 -15.20 -11.76 16.60
N GLY B 139 -14.22 -11.62 17.48
CA GLY B 139 -13.34 -12.75 17.77
C GLY B 139 -12.12 -12.83 16.88
N SER B 140 -11.88 -11.78 16.09
CA SER B 140 -10.72 -11.76 15.22
C SER B 140 -9.44 -11.50 15.98
N VAL B 141 -8.32 -12.00 15.43
CA VAL B 141 -7.00 -11.83 16.03
C VAL B 141 -6.02 -11.32 14.99
N THR B 142 -5.24 -10.30 15.35
CA THR B 142 -4.28 -9.73 14.43
C THR B 142 -3.24 -10.75 14.00
N VAL B 143 -3.12 -10.91 12.69
CA VAL B 143 -2.17 -11.85 12.11
C VAL B 143 -0.97 -11.08 11.57
N PRO B 144 0.22 -11.67 11.60
CA PRO B 144 1.44 -11.02 11.11
C PRO B 144 1.26 -10.50 9.68
N HIS B 145 2.00 -9.45 9.34
CA HIS B 145 1.90 -8.87 8.01
C HIS B 145 3.23 -9.00 7.26
N PRO B 146 3.17 -9.46 6.00
CA PRO B 146 4.34 -9.65 5.14
C PRO B 146 5.39 -8.54 5.18
N ASN B 147 5.00 -7.32 4.84
CA ASN B 147 5.97 -6.23 4.83
C ASN B 147 5.89 -5.32 6.05
N ILE B 148 5.70 -5.92 7.23
CA ILE B 148 5.64 -5.17 8.46
C ILE B 148 6.34 -5.92 9.58
N GLU B 149 7.46 -5.36 10.03
CA GLU B 149 8.25 -5.98 11.10
C GLU B 149 7.82 -5.40 12.44
N GLU B 150 7.58 -6.28 13.40
CA GLU B 150 7.15 -5.85 14.73
C GLU B 150 8.26 -6.04 15.76
N VAL B 151 8.82 -4.92 16.21
CA VAL B 151 9.90 -4.92 17.19
C VAL B 151 9.41 -4.46 18.55
N ALA B 152 9.43 -5.37 19.51
CA ALA B 152 9.00 -5.07 20.87
C ALA B 152 9.91 -4.04 21.53
N LEU B 153 9.33 -2.94 21.98
CA LEU B 153 10.11 -1.89 22.65
C LEU B 153 10.65 -2.41 23.97
N SER B 154 11.80 -1.90 24.37
CA SER B 154 12.43 -2.32 25.63
C SER B 154 12.68 -1.13 26.57
N SER B 155 13.44 -1.39 27.63
CA SER B 155 13.75 -0.37 28.63
C SER B 155 14.87 0.55 28.15
N THR B 156 15.55 0.13 27.09
CA THR B 156 16.65 0.89 26.53
C THR B 156 16.19 2.05 25.65
N GLY B 157 16.34 3.27 26.15
CA GLY B 157 15.95 4.43 25.38
C GLY B 157 15.92 5.70 26.21
N GLU B 158 16.11 6.84 25.55
CA GLU B 158 16.12 8.14 26.21
C GLU B 158 14.74 8.82 26.22
N ILE B 159 13.77 8.17 25.61
CA ILE B 159 12.41 8.71 25.55
C ILE B 159 11.44 7.73 26.21
N PRO B 160 10.98 8.04 27.43
CA PRO B 160 10.05 7.19 28.15
C PRO B 160 8.68 7.15 27.47
N PHE B 161 8.03 6.00 27.52
CA PHE B 161 6.72 5.85 26.90
C PHE B 161 5.63 5.48 27.91
N TYR B 162 5.19 4.23 27.86
CA TYR B 162 4.16 3.74 28.77
C TYR B 162 4.72 2.56 29.54
N GLY B 163 5.82 2.81 30.23
CA GLY B 163 6.45 1.75 31.01
C GLY B 163 7.84 1.44 30.50
N LYS B 164 8.11 1.82 29.26
CA LYS B 164 9.41 1.59 28.62
C LYS B 164 9.94 2.90 28.05
N ALA B 165 10.73 2.77 26.98
CA ALA B 165 11.32 3.92 26.32
C ALA B 165 11.55 3.62 24.84
N ILE B 166 11.71 4.67 24.04
CA ILE B 166 11.94 4.53 22.61
C ILE B 166 13.34 5.01 22.22
N PRO B 167 14.17 4.10 21.70
CA PRO B 167 15.53 4.44 21.27
C PRO B 167 15.52 5.58 20.26
N ILE B 168 16.13 6.70 20.62
CA ILE B 168 16.19 7.87 19.74
C ILE B 168 16.65 7.50 18.34
N GLU B 169 17.37 6.38 18.22
CA GLU B 169 17.88 5.93 16.93
C GLU B 169 16.77 5.29 16.09
N THR B 170 15.54 5.61 16.44
CA THR B 170 14.38 5.07 15.76
C THR B 170 13.58 6.18 15.09
N ILE B 171 13.52 7.33 15.72
CA ILE B 171 12.77 8.46 15.18
C ILE B 171 13.70 9.60 14.79
N LYS B 172 15.01 9.37 14.93
CA LYS B 172 16.02 10.37 14.59
C LYS B 172 15.70 11.06 13.27
N GLY B 173 15.48 10.25 12.23
CA GLY B 173 15.16 10.78 10.93
C GLY B 173 14.08 9.97 10.25
N GLY B 174 13.39 10.58 9.29
CA GLY B 174 12.33 9.89 8.58
C GLY B 174 10.95 10.28 9.08
N ARG B 175 9.94 9.56 8.60
CA ARG B 175 8.55 9.82 8.98
C ARG B 175 8.03 8.70 9.89
N HIS B 176 7.68 9.06 11.12
CA HIS B 176 7.19 8.08 12.11
C HIS B 176 5.91 8.52 12.82
N LEU B 177 5.04 7.54 13.12
CA LEU B 177 3.78 7.83 13.79
C LEU B 177 3.72 7.15 15.17
N ILE B 178 3.39 7.95 16.19
CA ILE B 178 3.29 7.45 17.56
C ILE B 178 1.88 7.71 18.11
N PHE B 179 1.28 6.68 18.69
CA PHE B 179 -0.06 6.79 19.25
C PHE B 179 -0.06 6.94 20.76
N CYS B 180 -0.78 7.94 21.23
CA CYS B 180 -0.91 8.18 22.67
C CYS B 180 -2.39 8.06 23.05
N HIS B 181 -2.67 7.37 24.16
CA HIS B 181 -4.03 7.16 24.64
C HIS B 181 -4.72 8.49 24.96
N SER B 182 -4.02 9.39 25.63
CA SER B 182 -4.61 10.68 25.98
C SER B 182 -4.12 11.83 25.10
N LYS B 183 -4.93 12.87 25.00
CA LYS B 183 -4.61 14.04 24.20
C LYS B 183 -3.54 14.88 24.91
N LYS B 184 -3.35 14.60 26.20
CA LYS B 184 -2.37 15.31 27.02
C LYS B 184 -0.96 14.77 26.76
N LYS B 185 -0.83 13.45 26.65
CA LYS B 185 0.48 12.84 26.40
C LYS B 185 0.98 13.14 25.00
N CYS B 186 0.08 13.50 24.09
CA CYS B 186 0.46 13.81 22.73
C CYS B 186 1.23 15.12 22.68
N ASP B 187 0.80 16.07 23.51
CA ASP B 187 1.46 17.38 23.58
C ASP B 187 2.79 17.28 24.33
N GLU B 188 2.77 16.59 25.46
CA GLU B 188 3.96 16.40 26.28
C GLU B 188 5.06 15.69 25.49
N LEU B 189 4.69 14.57 24.86
CA LEU B 189 5.64 13.78 24.09
C LEU B 189 6.15 14.57 22.89
N ALA B 190 5.24 15.26 22.19
CA ALA B 190 5.59 16.09 21.04
C ALA B 190 6.37 17.31 21.52
N ALA B 191 6.49 17.45 22.84
CA ALA B 191 7.22 18.58 23.43
C ALA B 191 8.61 18.11 23.87
N LYS B 192 8.72 16.84 24.24
CA LYS B 192 10.00 16.28 24.65
C LYS B 192 10.87 16.04 23.43
N LEU B 193 10.25 15.52 22.37
CA LEU B 193 10.97 15.24 21.13
C LEU B 193 11.29 16.53 20.41
N SER B 194 10.31 17.43 20.35
CA SER B 194 10.50 18.71 19.67
C SER B 194 11.64 19.46 20.33
N GLY B 195 11.59 19.53 21.66
CA GLY B 195 12.62 20.19 22.42
C GLY B 195 13.82 19.27 22.60
N LEU B 196 14.15 18.55 21.54
CA LEU B 196 15.27 17.62 21.55
C LEU B 196 15.96 17.61 20.19
N GLY B 197 15.57 18.55 19.33
CA GLY B 197 16.14 18.67 18.00
C GLY B 197 15.32 17.97 16.93
N LEU B 198 14.37 17.14 17.36
CA LEU B 198 13.51 16.41 16.43
C LEU B 198 12.32 17.24 15.99
N ASN B 199 11.85 16.97 14.78
CA ASN B 199 10.70 17.68 14.23
C ASN B 199 9.45 16.88 14.59
N ALA B 200 8.84 17.21 15.73
CA ALA B 200 7.65 16.51 16.17
C ALA B 200 6.44 17.43 16.31
N VAL B 201 5.29 16.96 15.83
CA VAL B 201 4.04 17.70 15.89
C VAL B 201 2.92 16.77 16.34
N ALA B 202 2.21 17.17 17.40
CA ALA B 202 1.13 16.37 17.94
C ALA B 202 -0.17 16.59 17.16
N TYR B 203 -0.98 15.54 17.04
CA TYR B 203 -2.25 15.63 16.32
C TYR B 203 -3.39 14.92 17.07
N TYR B 204 -4.59 15.49 16.98
CA TYR B 204 -5.77 14.91 17.61
C TYR B 204 -6.98 15.75 17.26
N ARG B 205 -8.17 15.24 17.58
CA ARG B 205 -9.41 15.94 17.27
C ARG B 205 -9.30 17.42 17.63
N GLY B 206 -9.63 18.28 16.66
CA GLY B 206 -9.57 19.72 16.89
C GLY B 206 -8.53 20.36 15.99
N LEU B 207 -7.28 20.03 16.24
CA LEU B 207 -6.16 20.56 15.46
C LEU B 207 -6.40 20.34 13.97
N ASP B 208 -5.75 21.16 13.14
CA ASP B 208 -5.90 21.04 11.69
C ASP B 208 -4.86 20.07 11.16
N VAL B 209 -5.32 19.10 10.37
CA VAL B 209 -4.44 18.08 9.81
C VAL B 209 -3.30 18.68 8.99
N SER B 210 -3.48 19.94 8.58
CA SER B 210 -2.49 20.64 7.76
C SER B 210 -1.20 21.00 8.51
N VAL B 211 -1.13 20.57 9.77
CA VAL B 211 0.04 20.83 10.62
C VAL B 211 1.04 19.69 10.50
N ILE B 212 0.87 18.85 9.49
CA ILE B 212 1.76 17.71 9.29
C ILE B 212 2.39 17.80 7.91
N PRO B 213 3.71 17.60 7.82
CA PRO B 213 4.43 17.66 6.54
C PRO B 213 4.23 16.41 5.70
N THR B 214 3.72 16.61 4.48
CA THR B 214 3.46 15.52 3.55
C THR B 214 4.73 14.72 3.29
N SER B 215 5.82 15.43 3.02
CA SER B 215 7.11 14.80 2.74
C SER B 215 8.19 15.44 3.61
N GLY B 216 9.04 14.62 4.22
CA GLY B 216 10.08 15.17 5.07
C GLY B 216 10.15 14.44 6.40
N ASP B 217 11.30 14.51 7.06
CA ASP B 217 11.51 13.86 8.34
C ASP B 217 10.62 14.50 9.38
N VAL B 218 9.74 13.71 9.97
CA VAL B 218 8.83 14.24 10.98
C VAL B 218 8.28 13.14 11.87
N ILE B 219 8.07 13.47 13.15
CA ILE B 219 7.51 12.52 14.09
C ILE B 219 6.11 13.00 14.44
N VAL B 220 5.13 12.10 14.32
CA VAL B 220 3.76 12.46 14.62
C VAL B 220 3.18 11.71 15.81
N VAL B 221 2.89 12.44 16.87
CA VAL B 221 2.30 11.86 18.08
C VAL B 221 0.83 12.24 18.12
N ALA B 222 -0.04 11.25 17.92
CA ALA B 222 -1.47 11.54 17.92
C ALA B 222 -2.37 10.42 18.45
N THR B 223 -3.67 10.70 18.43
CA THR B 223 -4.69 9.76 18.89
C THR B 223 -5.26 9.05 17.65
N ASP B 224 -6.37 8.35 17.79
CA ASP B 224 -6.92 7.69 16.62
C ASP B 224 -7.73 8.63 15.75
N ALA B 225 -7.66 9.92 16.04
CA ALA B 225 -8.40 10.89 15.26
C ALA B 225 -8.02 10.78 13.79
N LEU B 226 -8.97 10.31 12.99
CA LEU B 226 -8.77 10.12 11.56
C LEU B 226 -8.16 11.38 10.96
N MET B 227 -7.08 11.18 10.22
CA MET B 227 -6.38 12.30 9.60
C MET B 227 -6.86 12.50 8.18
N THR B 228 -8.13 12.84 8.01
CA THR B 228 -8.70 13.04 6.68
C THR B 228 -7.85 13.98 5.80
N GLY B 229 -7.70 13.61 4.53
CA GLY B 229 -6.92 14.41 3.60
C GLY B 229 -5.42 14.25 3.80
N PHE B 230 -5.01 13.06 4.20
CA PHE B 230 -3.60 12.78 4.44
C PHE B 230 -3.31 11.29 4.32
N THR B 231 -2.33 10.94 3.50
CA THR B 231 -1.95 9.55 3.30
C THR B 231 -0.94 9.16 4.38
N GLY B 232 -0.98 7.89 4.78
CA GLY B 232 -0.07 7.42 5.80
C GLY B 232 1.38 7.65 5.43
N ASP B 233 2.01 6.65 4.81
CA ASP B 233 3.40 6.75 4.40
C ASP B 233 4.29 7.05 5.62
N PHE B 234 4.24 6.13 6.59
CA PHE B 234 5.05 6.25 7.80
C PHE B 234 6.04 5.11 7.89
N ASP B 235 7.33 5.45 7.91
CA ASP B 235 8.39 4.45 7.99
C ASP B 235 8.10 3.45 9.09
N SER B 236 7.72 3.96 10.26
CA SER B 236 7.40 3.08 11.38
C SER B 236 6.21 3.61 12.17
N VAL B 237 5.73 2.78 13.09
CA VAL B 237 4.60 3.13 13.94
C VAL B 237 4.84 2.62 15.35
N ILE B 238 4.75 3.53 16.31
CA ILE B 238 4.93 3.19 17.71
C ILE B 238 3.56 3.32 18.35
N ASP B 239 3.12 2.23 18.97
CA ASP B 239 1.83 2.16 19.61
C ASP B 239 1.91 1.89 21.11
N CYS B 240 1.16 2.67 21.89
CA CYS B 240 1.12 2.48 23.34
C CYS B 240 0.21 1.32 23.70
N ASN B 241 -0.40 0.71 22.69
CA ASN B 241 -1.27 -0.44 22.88
C ASN B 241 -2.36 -0.24 23.94
N THR B 242 -2.88 0.99 24.02
CA THR B 242 -3.94 1.33 24.97
C THR B 242 -5.02 2.20 24.31
N CYS B 243 -6.27 1.93 24.66
CA CYS B 243 -7.39 2.68 24.10
C CYS B 243 -8.24 3.31 25.19
N VAL B 244 -8.97 4.36 24.83
CA VAL B 244 -9.86 5.03 25.76
C VAL B 244 -11.27 4.55 25.49
N THR B 245 -12.08 4.36 26.54
CA THR B 245 -13.46 3.89 26.41
C THR B 245 -14.36 4.40 27.55
N GLN B 246 -15.68 4.37 27.33
CA GLN B 246 -16.61 4.81 28.36
C GLN B 246 -17.08 3.56 29.09
N THR B 247 -17.29 3.67 30.39
CA THR B 247 -17.75 2.53 31.17
C THR B 247 -18.87 2.92 32.12
N VAL B 248 -19.84 2.01 32.24
CA VAL B 248 -20.98 2.25 33.10
C VAL B 248 -20.84 1.43 34.38
N ASP B 249 -21.13 2.06 35.50
CA ASP B 249 -21.06 1.40 36.78
C ASP B 249 -22.29 1.78 37.59
N PHE B 250 -23.05 0.76 37.97
CA PHE B 250 -24.28 0.93 38.76
C PHE B 250 -23.87 1.00 40.23
N SER B 251 -23.18 2.10 40.55
CA SER B 251 -22.64 2.38 41.86
C SER B 251 -23.67 2.70 42.95
N LEU B 252 -24.93 2.90 42.55
CA LEU B 252 -25.98 3.18 43.51
C LEU B 252 -25.64 4.32 44.45
N ASP B 253 -25.17 5.44 43.90
CA ASP B 253 -24.80 6.59 44.73
C ASP B 253 -25.21 7.92 44.11
N PRO B 254 -26.51 8.12 43.87
CA PRO B 254 -27.58 7.17 44.16
C PRO B 254 -27.95 6.20 43.04
N THR B 255 -27.60 6.56 41.81
CA THR B 255 -27.95 5.75 40.65
C THR B 255 -26.78 5.03 39.97
N PHE B 256 -26.30 5.60 38.88
CA PHE B 256 -25.18 4.99 38.15
C PHE B 256 -24.08 5.98 37.82
N THR B 257 -22.93 5.45 37.44
CA THR B 257 -21.81 6.33 37.07
C THR B 257 -21.22 5.97 35.71
N ILE B 258 -21.00 6.98 34.87
CA ILE B 258 -20.39 6.75 33.56
C ILE B 258 -19.06 7.49 33.60
N GLU B 259 -17.97 6.77 33.35
CA GLU B 259 -16.63 7.40 33.34
C GLU B 259 -15.74 6.86 32.25
N THR B 260 -15.07 7.76 31.54
CA THR B 260 -14.16 7.35 30.47
C THR B 260 -12.84 6.91 31.09
N THR B 261 -12.42 5.69 30.78
CA THR B 261 -11.18 5.13 31.30
C THR B 261 -10.38 4.42 30.20
N THR B 262 -9.11 4.11 30.50
CA THR B 262 -8.26 3.42 29.53
C THR B 262 -8.49 1.91 29.61
N VAL B 263 -7.93 1.20 28.65
CA VAL B 263 -8.08 -0.23 28.60
C VAL B 263 -7.18 -0.77 27.48
N PRO B 264 -6.59 -1.95 27.68
CA PRO B 264 -5.73 -2.49 26.63
C PRO B 264 -6.49 -2.64 25.31
N GLN B 265 -5.85 -2.22 24.21
CA GLN B 265 -6.46 -2.29 22.89
C GLN B 265 -6.89 -3.70 22.52
N ASP B 266 -7.66 -3.81 21.44
CA ASP B 266 -8.13 -5.11 20.98
C ASP B 266 -7.58 -5.36 19.60
N ALA B 267 -8.03 -6.43 18.97
CA ALA B 267 -7.56 -6.79 17.65
C ALA B 267 -7.77 -5.68 16.63
N VAL B 268 -8.96 -5.11 16.60
CA VAL B 268 -9.28 -4.06 15.65
C VAL B 268 -8.33 -2.88 15.75
N SER B 269 -8.11 -2.43 16.98
CA SER B 269 -7.25 -1.29 17.21
C SER B 269 -5.81 -1.57 16.81
N ARG B 270 -5.32 -2.74 17.20
CA ARG B 270 -3.95 -3.13 16.90
C ARG B 270 -3.73 -3.18 15.40
N SER B 271 -4.80 -3.49 14.67
CA SER B 271 -4.72 -3.56 13.22
C SER B 271 -4.67 -2.17 12.61
N GLN B 272 -5.57 -1.30 13.07
CA GLN B 272 -5.63 0.06 12.56
C GLN B 272 -4.33 0.80 12.88
N ARG B 273 -3.86 0.65 14.11
CA ARG B 273 -2.63 1.28 14.55
C ARG B 273 -1.47 0.86 13.65
N ARG B 274 -1.33 -0.45 13.46
CA ARG B 274 -0.27 -1.00 12.64
C ARG B 274 -0.44 -0.66 11.16
N GLY B 275 -1.67 -0.73 10.68
CA GLY B 275 -1.98 -0.46 9.29
C GLY B 275 -1.54 0.90 8.77
N ARG B 276 -0.99 1.71 9.65
CA ARG B 276 -0.53 3.04 9.28
C ARG B 276 0.85 2.96 8.65
N THR B 277 1.44 1.77 8.66
CA THR B 277 2.75 1.55 8.10
C THR B 277 2.77 0.26 7.29
N GLY B 278 3.83 0.06 6.53
CA GLY B 278 3.94 -1.14 5.72
C GLY B 278 3.00 -1.16 4.55
N ARG B 279 2.67 0.02 4.02
CA ARG B 279 1.77 0.12 2.88
C ARG B 279 2.56 0.08 1.58
N GLY B 280 2.51 -1.07 0.92
CA GLY B 280 3.22 -1.22 -0.34
C GLY B 280 4.69 -1.50 -0.11
N ARG B 281 5.29 -0.73 0.79
CA ARG B 281 6.71 -0.89 1.10
C ARG B 281 6.95 -1.49 2.48
N MET B 282 8.18 -1.37 2.96
CA MET B 282 8.55 -1.91 4.27
C MET B 282 8.24 -0.95 5.38
N GLY B 283 7.72 -1.48 6.48
CA GLY B 283 7.38 -0.64 7.61
C GLY B 283 7.68 -1.34 8.91
N ILE B 284 7.93 -0.56 9.95
CA ILE B 284 8.25 -1.09 11.27
C ILE B 284 7.17 -0.71 12.30
N TYR B 285 6.76 -1.69 13.10
CA TYR B 285 5.74 -1.48 14.14
C TYR B 285 6.27 -1.88 15.51
N ARG B 286 6.51 -0.87 16.35
CA ARG B 286 7.01 -1.10 17.71
C ARG B 286 5.88 -0.94 18.72
N PHE B 287 5.75 -1.90 19.61
CA PHE B 287 4.70 -1.87 20.62
C PHE B 287 5.23 -1.93 22.05
N VAL B 288 4.31 -1.84 22.99
CA VAL B 288 4.61 -1.88 24.42
C VAL B 288 4.08 -3.20 25.02
N THR B 289 3.09 -3.78 24.35
CA THR B 289 2.49 -5.02 24.80
C THR B 289 2.15 -5.87 23.60
N PRO B 290 2.43 -7.17 23.68
CA PRO B 290 2.17 -8.13 22.59
C PRO B 290 0.72 -8.58 22.51
N GLY B 291 0.18 -9.00 23.64
CA GLY B 291 -1.19 -9.49 23.69
C GLY B 291 -2.22 -8.51 23.18
N GLU B 292 -3.46 -8.99 23.06
CA GLU B 292 -4.59 -8.19 22.59
C GLU B 292 -5.90 -8.94 22.80
N ARG B 293 -6.84 -8.27 23.45
CA ARG B 293 -8.15 -8.86 23.73
C ARG B 293 -8.98 -8.89 22.46
N PRO B 294 -9.48 -10.09 22.09
CA PRO B 294 -10.30 -10.23 20.89
C PRO B 294 -11.42 -9.20 20.86
N SER B 295 -11.80 -8.81 19.66
CA SER B 295 -12.85 -7.83 19.44
C SER B 295 -14.23 -8.46 19.55
N GLY B 296 -15.25 -7.67 19.27
CA GLY B 296 -16.61 -8.18 19.30
C GLY B 296 -17.32 -7.97 20.62
N MET B 297 -16.83 -7.00 21.39
CA MET B 297 -17.41 -6.69 22.69
C MET B 297 -17.44 -5.20 22.95
N PHE B 298 -18.48 -4.74 23.64
CA PHE B 298 -18.59 -3.33 23.98
C PHE B 298 -19.40 -3.12 25.25
N ASP B 299 -19.11 -2.03 25.95
CA ASP B 299 -19.78 -1.73 27.21
C ASP B 299 -21.25 -1.35 27.07
N SER B 300 -21.97 -1.54 28.17
CA SER B 300 -23.40 -1.23 28.26
C SER B 300 -23.64 0.27 28.12
N SER B 301 -22.63 1.08 28.42
CA SER B 301 -22.82 2.51 28.31
C SER B 301 -23.05 2.91 26.85
N VAL B 302 -22.66 2.04 25.92
CA VAL B 302 -22.86 2.35 24.52
C VAL B 302 -24.35 2.28 24.26
N LEU B 303 -25.00 1.30 24.86
CA LEU B 303 -26.44 1.19 24.74
C LEU B 303 -27.03 2.50 25.26
N CYS B 304 -26.53 2.99 26.37
CA CYS B 304 -27.02 4.25 26.93
C CYS B 304 -26.89 5.42 25.95
N GLU B 305 -25.79 5.44 25.18
CA GLU B 305 -25.58 6.51 24.20
C GLU B 305 -26.60 6.41 23.06
N CYS B 306 -27.03 5.19 22.74
CA CYS B 306 -28.00 5.03 21.67
C CYS B 306 -29.33 5.65 22.09
N TYR B 307 -29.83 5.26 23.26
CA TYR B 307 -31.07 5.84 23.77
C TYR B 307 -30.88 7.37 23.85
N ASP B 308 -29.74 7.83 24.34
CA ASP B 308 -29.47 9.26 24.46
C ASP B 308 -29.61 9.95 23.10
N ALA B 309 -29.03 9.33 22.08
CA ALA B 309 -29.03 9.83 20.71
C ALA B 309 -30.41 9.82 20.08
N GLY B 310 -31.12 8.70 20.24
CA GLY B 310 -32.45 8.60 19.69
C GLY B 310 -33.34 9.69 20.24
N CYS B 311 -33.10 10.12 21.48
CA CYS B 311 -33.91 11.16 22.08
C CYS B 311 -33.39 12.55 21.73
N ALA B 312 -32.12 12.63 21.36
CA ALA B 312 -31.56 13.93 21.09
C ALA B 312 -31.44 14.29 19.62
N TRP B 313 -31.19 13.30 18.79
CA TRP B 313 -30.99 13.52 17.37
C TRP B 313 -32.00 12.91 16.41
N TYR B 314 -32.44 11.70 16.71
CA TYR B 314 -33.33 11.01 15.79
C TYR B 314 -34.81 10.94 16.14
N GLU B 315 -35.21 11.73 17.13
CA GLU B 315 -36.59 11.76 17.60
C GLU B 315 -37.17 10.36 17.81
N LEU B 316 -36.42 9.51 18.47
CA LEU B 316 -36.87 8.17 18.73
C LEU B 316 -37.29 7.96 20.19
N THR B 317 -38.47 7.39 20.41
CA THR B 317 -38.90 7.12 21.78
C THR B 317 -38.02 6.00 22.27
N PRO B 318 -37.79 5.93 23.58
CA PRO B 318 -36.95 4.86 24.11
C PRO B 318 -37.45 3.50 23.61
N ALA B 319 -38.77 3.39 23.45
CA ALA B 319 -39.41 2.15 22.98
C ALA B 319 -38.96 1.80 21.56
N GLU B 320 -38.96 2.80 20.68
CA GLU B 320 -38.52 2.59 19.30
C GLU B 320 -37.04 2.16 19.30
N THR B 321 -36.21 2.89 20.04
CA THR B 321 -34.80 2.57 20.14
C THR B 321 -34.61 1.12 20.60
N SER B 322 -35.46 0.67 21.52
CA SER B 322 -35.34 -0.69 22.03
C SER B 322 -35.58 -1.72 20.96
N VAL B 323 -36.58 -1.48 20.12
CA VAL B 323 -36.93 -2.40 19.05
C VAL B 323 -35.74 -2.57 18.11
N ARG B 324 -35.12 -1.47 17.75
CA ARG B 324 -34.00 -1.47 16.83
C ARG B 324 -32.79 -2.15 17.42
N LEU B 325 -32.46 -1.80 18.66
CA LEU B 325 -31.33 -2.40 19.32
C LEU B 325 -31.55 -3.88 19.54
N ARG B 326 -32.80 -4.26 19.82
CA ARG B 326 -33.12 -5.65 20.05
C ARG B 326 -32.79 -6.46 18.79
N ALA B 327 -33.17 -5.92 17.64
CA ALA B 327 -32.89 -6.58 16.37
C ALA B 327 -31.38 -6.78 16.21
N TYR B 328 -30.60 -5.82 16.68
CA TYR B 328 -29.14 -5.89 16.60
C TYR B 328 -28.56 -6.98 17.50
N LEU B 329 -29.09 -7.08 18.72
CA LEU B 329 -28.64 -8.10 19.67
C LEU B 329 -29.16 -9.48 19.30
N ASN B 330 -30.28 -9.55 18.58
CA ASN B 330 -30.82 -10.86 18.19
C ASN B 330 -30.06 -11.42 16.99
N THR B 331 -29.27 -10.58 16.33
CA THR B 331 -28.53 -11.02 15.17
C THR B 331 -27.14 -11.57 15.53
N PRO B 332 -26.89 -12.85 15.20
CA PRO B 332 -25.60 -13.46 15.51
C PRO B 332 -24.49 -12.95 14.59
N GLY B 333 -23.26 -12.99 15.08
CA GLY B 333 -22.13 -12.54 14.27
C GLY B 333 -21.72 -11.10 14.52
N LEU B 334 -22.53 -10.36 15.27
CA LEU B 334 -22.18 -8.97 15.54
C LEU B 334 -21.59 -8.82 16.94
N PRO B 335 -20.92 -7.69 17.18
CA PRO B 335 -20.32 -7.41 18.49
C PRO B 335 -21.41 -7.53 19.54
N VAL B 336 -21.08 -8.14 20.67
CA VAL B 336 -22.05 -8.33 21.72
C VAL B 336 -21.78 -7.49 22.95
N CYS B 337 -22.76 -7.45 23.85
CA CYS B 337 -22.64 -6.72 25.10
C CYS B 337 -23.83 -7.10 25.97
N GLN B 338 -23.73 -6.82 27.28
CA GLN B 338 -24.80 -7.15 28.21
C GLN B 338 -26.12 -6.60 27.72
N ASP B 339 -27.20 -7.36 27.93
CA ASP B 339 -28.53 -6.95 27.52
C ASP B 339 -29.25 -6.11 28.58
N HIS B 340 -29.03 -4.80 28.51
CA HIS B 340 -29.64 -3.86 29.45
C HIS B 340 -30.64 -2.96 28.74
N LEU B 341 -31.22 -3.45 27.65
CA LEU B 341 -32.18 -2.63 26.93
C LEU B 341 -33.37 -2.16 27.77
N GLU B 342 -34.00 -3.09 28.48
CA GLU B 342 -35.15 -2.75 29.28
C GLU B 342 -34.84 -1.69 30.32
N PHE B 343 -33.69 -1.83 30.98
CA PHE B 343 -33.24 -0.88 31.99
C PHE B 343 -33.01 0.51 31.36
N TRP B 344 -32.11 0.59 30.39
CA TRP B 344 -31.87 1.88 29.74
C TRP B 344 -33.13 2.49 29.18
N GLU B 345 -34.00 1.68 28.59
CA GLU B 345 -35.25 2.20 28.05
C GLU B 345 -36.11 2.81 29.17
N SER B 346 -36.08 2.17 30.34
CA SER B 346 -36.87 2.64 31.48
C SER B 346 -36.38 3.98 31.99
N VAL B 347 -35.07 4.12 32.02
CA VAL B 347 -34.46 5.35 32.48
C VAL B 347 -34.88 6.51 31.61
N PHE B 348 -34.63 6.41 30.31
CA PHE B 348 -35.00 7.49 29.41
C PHE B 348 -36.49 7.75 29.26
N THR B 349 -37.32 6.73 29.49
CA THR B 349 -38.77 6.92 29.36
C THR B 349 -39.26 7.93 30.39
N GLY B 350 -38.60 8.01 31.54
CA GLY B 350 -39.03 8.96 32.56
C GLY B 350 -38.44 10.36 32.45
N LEU B 351 -37.48 10.55 31.55
CA LEU B 351 -36.85 11.86 31.38
C LEU B 351 -37.63 12.73 30.41
N THR B 352 -38.81 13.15 30.81
CA THR B 352 -39.65 13.96 29.93
C THR B 352 -39.58 15.46 30.16
N HIS B 353 -40.03 16.22 29.18
CA HIS B 353 -40.05 17.68 29.28
C HIS B 353 -38.66 18.27 29.55
N ILE B 354 -37.69 17.89 28.74
CA ILE B 354 -36.34 18.40 28.88
C ILE B 354 -36.36 19.87 28.40
N ASP B 355 -35.34 20.64 28.76
CA ASP B 355 -35.24 22.04 28.34
C ASP B 355 -34.65 22.06 26.93
N ALA B 356 -35.47 22.40 25.96
CA ALA B 356 -35.06 22.45 24.56
C ALA B 356 -33.79 23.26 24.36
N HIS B 357 -33.73 24.42 25.00
CA HIS B 357 -32.56 25.29 24.89
C HIS B 357 -31.30 24.53 25.30
N PHE B 358 -31.28 24.01 26.52
CA PHE B 358 -30.13 23.26 26.99
C PHE B 358 -29.77 22.11 26.07
N LEU B 359 -30.79 21.42 25.56
CA LEU B 359 -30.54 20.30 24.68
C LEU B 359 -29.74 20.76 23.47
N SER B 360 -30.19 21.84 22.86
CA SER B 360 -29.55 22.40 21.68
C SER B 360 -28.09 22.71 21.95
N GLN B 361 -27.85 23.31 23.10
CA GLN B 361 -26.50 23.66 23.48
C GLN B 361 -25.60 22.45 23.61
N THR B 362 -26.05 21.44 24.33
CA THR B 362 -25.26 20.23 24.52
C THR B 362 -25.07 19.44 23.23
N LYS B 363 -26.06 19.51 22.35
CA LYS B 363 -25.93 18.80 21.08
C LYS B 363 -24.88 19.47 20.19
N GLN B 364 -24.64 20.77 20.36
CA GLN B 364 -23.65 21.48 19.54
C GLN B 364 -22.25 21.20 20.02
N ALA B 365 -22.10 21.16 21.34
CA ALA B 365 -20.80 20.89 21.95
C ALA B 365 -20.28 19.51 21.56
N GLY B 366 -21.13 18.68 20.98
CA GLY B 366 -20.71 17.34 20.58
C GLY B 366 -20.22 16.40 21.67
N ASP B 367 -20.58 16.68 22.94
CA ASP B 367 -20.16 15.83 24.06
C ASP B 367 -20.75 14.44 23.96
N ASN B 368 -20.42 13.58 24.93
CA ASN B 368 -20.90 12.20 24.88
C ASN B 368 -22.40 11.94 25.10
N PHE B 369 -22.94 12.40 26.22
CA PHE B 369 -24.36 12.17 26.48
C PHE B 369 -25.09 13.49 26.54
N PRO B 370 -25.36 14.08 25.37
CA PRO B 370 -26.06 15.36 25.30
C PRO B 370 -27.40 15.38 25.99
N TYR B 371 -28.19 14.33 25.82
CA TYR B 371 -29.51 14.30 26.44
C TYR B 371 -29.40 14.24 27.96
N LEU B 372 -28.58 13.33 28.48
CA LEU B 372 -28.43 13.20 29.91
C LEU B 372 -27.89 14.47 30.54
N VAL B 373 -26.87 15.04 29.91
CA VAL B 373 -26.28 16.27 30.42
C VAL B 373 -27.31 17.38 30.43
N ALA B 374 -27.99 17.55 29.31
CA ALA B 374 -29.02 18.57 29.20
C ALA B 374 -30.18 18.36 30.19
N TYR B 375 -30.47 17.09 30.52
CA TYR B 375 -31.55 16.77 31.45
C TYR B 375 -31.13 17.11 32.87
N GLN B 376 -29.93 16.71 33.26
CA GLN B 376 -29.43 17.03 34.59
C GLN B 376 -29.40 18.55 34.73
N ALA B 377 -29.07 19.28 33.66
CA ALA B 377 -29.03 20.74 33.73
C ALA B 377 -30.45 21.27 33.89
N THR B 378 -31.39 20.67 33.15
CA THR B 378 -32.78 21.08 33.22
C THR B 378 -33.27 21.03 34.66
N VAL B 379 -32.97 19.94 35.36
CA VAL B 379 -33.38 19.73 36.74
C VAL B 379 -32.76 20.78 37.66
N CYS B 380 -31.48 21.05 37.45
CA CYS B 380 -30.77 22.06 38.22
C CYS B 380 -31.49 23.40 38.07
N ALA B 381 -31.57 23.89 36.84
CA ALA B 381 -32.24 25.17 36.59
C ALA B 381 -33.62 25.19 37.25
N ARG B 382 -34.42 24.16 37.01
CA ARG B 382 -35.75 24.13 37.61
C ARG B 382 -35.66 24.32 39.12
N ALA B 383 -34.54 23.88 39.71
CA ALA B 383 -34.37 24.00 41.15
C ALA B 383 -33.38 25.08 41.53
N GLN B 384 -33.02 25.93 40.57
CA GLN B 384 -32.07 27.01 40.81
C GLN B 384 -30.79 26.51 41.45
N ALA B 385 -30.53 25.22 41.31
CA ALA B 385 -29.33 24.62 41.87
C ALA B 385 -28.24 24.55 40.82
N PRO B 386 -26.98 24.42 41.27
CA PRO B 386 -25.83 24.36 40.36
C PRO B 386 -25.58 22.92 39.90
N PRO B 387 -24.74 22.76 38.87
CA PRO B 387 -24.40 21.45 38.32
C PRO B 387 -23.47 20.68 39.26
N PRO B 388 -23.24 19.39 38.95
CA PRO B 388 -22.36 18.54 39.76
C PRO B 388 -21.00 19.19 39.95
N SER B 389 -20.53 19.86 38.91
CA SER B 389 -19.25 20.56 38.96
C SER B 389 -19.31 21.60 37.86
N TRP B 390 -18.31 22.48 37.83
CA TRP B 390 -18.30 23.50 36.79
C TRP B 390 -17.33 23.17 35.67
N ASP B 391 -17.28 21.89 35.30
CA ASP B 391 -16.42 21.46 34.21
C ASP B 391 -17.00 22.08 32.93
N GLN B 392 -16.43 21.73 31.78
CA GLN B 392 -16.89 22.28 30.51
C GLN B 392 -18.17 21.60 30.00
N MET B 393 -18.47 20.43 30.54
CA MET B 393 -19.66 19.69 30.12
C MET B 393 -20.94 20.34 30.64
N TRP B 394 -20.82 21.15 31.67
CA TRP B 394 -21.97 21.83 32.22
C TRP B 394 -21.99 23.29 31.75
N LYS B 395 -21.09 23.61 30.83
CA LYS B 395 -20.97 24.97 30.31
C LYS B 395 -22.30 25.65 30.02
N CYS B 396 -23.33 24.87 29.69
CA CYS B 396 -24.65 25.39 29.38
C CYS B 396 -25.35 26.07 30.56
N LEU B 397 -24.75 25.95 31.74
CA LEU B 397 -25.33 26.54 32.94
C LEU B 397 -24.56 27.74 33.50
N ILE B 398 -23.52 28.17 32.79
CA ILE B 398 -22.72 29.30 33.27
C ILE B 398 -23.57 30.55 33.39
N ARG B 399 -24.46 30.75 32.42
CA ARG B 399 -25.35 31.91 32.39
C ARG B 399 -26.09 32.06 33.71
N LEU B 400 -26.61 30.96 34.23
CA LEU B 400 -27.37 30.99 35.47
C LEU B 400 -26.47 30.84 36.70
N LYS B 401 -25.18 30.60 36.47
CA LYS B 401 -24.22 30.40 37.56
C LYS B 401 -24.42 31.33 38.76
N PRO B 402 -24.56 32.65 38.52
CA PRO B 402 -24.75 33.65 39.58
C PRO B 402 -25.91 33.33 40.53
N THR B 403 -27.03 32.86 39.97
CA THR B 403 -28.21 32.55 40.78
C THR B 403 -28.30 31.11 41.27
N LEU B 404 -27.48 30.24 40.68
CA LEU B 404 -27.51 28.84 41.07
C LEU B 404 -26.73 28.60 42.35
N HIS B 405 -27.44 28.17 43.40
CA HIS B 405 -26.84 27.88 44.69
C HIS B 405 -27.49 26.66 45.35
N GLY B 406 -26.88 26.17 46.42
CA GLY B 406 -27.43 25.03 47.12
C GLY B 406 -26.95 23.69 46.57
N PRO B 407 -27.38 22.56 47.18
CA PRO B 407 -26.97 21.23 46.73
C PRO B 407 -27.44 20.95 45.30
N THR B 408 -26.80 19.97 44.67
CA THR B 408 -27.17 19.60 43.31
C THR B 408 -28.05 18.36 43.34
N PRO B 409 -29.19 18.41 42.62
CA PRO B 409 -30.11 17.27 42.55
C PRO B 409 -29.45 16.29 41.58
N LEU B 410 -28.57 15.45 42.11
CA LEU B 410 -27.83 14.48 41.31
C LEU B 410 -28.72 13.36 40.78
N LEU B 411 -28.82 13.28 39.45
CA LEU B 411 -29.64 12.25 38.80
C LEU B 411 -28.81 11.01 38.57
N TYR B 412 -27.55 11.25 38.22
CA TYR B 412 -26.55 10.22 37.92
C TYR B 412 -25.20 10.93 37.86
N ARG B 413 -24.13 10.13 37.82
CA ARG B 413 -22.77 10.68 37.78
C ARG B 413 -22.13 10.56 36.39
N LEU B 414 -21.96 11.71 35.74
CA LEU B 414 -21.37 11.78 34.42
C LEU B 414 -19.97 12.34 34.53
N GLY B 415 -19.17 11.72 35.39
CA GLY B 415 -17.82 12.20 35.57
C GLY B 415 -17.55 12.54 37.01
N ALA B 416 -16.95 13.70 37.28
CA ALA B 416 -16.66 14.05 38.65
C ALA B 416 -17.59 15.14 39.15
N VAL B 417 -17.87 15.12 40.45
CA VAL B 417 -18.76 16.10 41.07
C VAL B 417 -18.13 16.66 42.36
N GLN B 418 -18.16 18.00 42.49
CA GLN B 418 -17.58 18.67 43.64
C GLN B 418 -18.68 19.10 44.59
N ASN B 419 -19.60 19.89 44.06
CA ASN B 419 -20.72 20.43 44.81
C ASN B 419 -21.42 19.46 45.77
N GLU B 420 -22.25 20.01 46.63
CA GLU B 420 -23.02 19.22 47.60
C GLU B 420 -24.06 18.48 46.79
N VAL B 421 -24.29 17.22 47.13
CA VAL B 421 -25.25 16.40 46.41
C VAL B 421 -26.50 16.04 47.21
N THR B 422 -27.64 16.04 46.54
CA THR B 422 -28.91 15.66 47.15
C THR B 422 -29.55 14.60 46.26
N THR B 423 -30.21 13.63 46.87
CA THR B 423 -30.84 12.57 46.10
C THR B 423 -32.34 12.47 46.38
N THR B 424 -32.97 13.58 46.70
CA THR B 424 -34.39 13.56 47.02
C THR B 424 -35.30 13.98 45.87
N HIS B 425 -34.70 14.21 44.71
CA HIS B 425 -35.44 14.65 43.54
C HIS B 425 -36.20 13.49 42.90
N PRO B 426 -37.44 13.75 42.47
CA PRO B 426 -38.28 12.71 41.85
C PRO B 426 -37.55 11.94 40.75
N ILE B 427 -36.93 12.64 39.80
CA ILE B 427 -36.23 11.93 38.73
C ILE B 427 -35.15 10.99 39.26
N THR B 428 -34.50 11.40 40.35
CA THR B 428 -33.45 10.59 41.00
C THR B 428 -34.09 9.34 41.61
N LYS B 429 -35.26 9.53 42.21
CA LYS B 429 -35.95 8.41 42.82
C LYS B 429 -36.42 7.44 41.75
N TYR B 430 -36.82 7.99 40.61
CA TYR B 430 -37.29 7.21 39.47
C TYR B 430 -36.21 6.30 38.97
N ILE B 431 -35.05 6.88 38.72
CA ILE B 431 -33.94 6.11 38.21
C ILE B 431 -33.52 5.06 39.23
N MET B 432 -33.54 5.40 40.51
CA MET B 432 -33.18 4.45 41.54
C MET B 432 -34.15 3.27 41.50
N ALA B 433 -35.42 3.57 41.26
CA ALA B 433 -36.43 2.53 41.17
C ALA B 433 -36.18 1.66 39.94
N CYS B 434 -35.76 2.28 38.82
CA CYS B 434 -35.48 1.52 37.60
C CYS B 434 -34.36 0.52 37.85
N MET B 435 -33.44 0.86 38.74
CA MET B 435 -32.32 -0.03 39.05
C MET B 435 -32.69 -1.16 40.00
N SER B 436 -33.85 -1.02 40.65
CA SER B 436 -34.32 -2.01 41.60
C SER B 436 -35.01 -3.19 40.93
#